data_8Z4N
#
_entry.id   8Z4N
#
_cell.length_a   74.476
_cell.length_b   88.024
_cell.length_c   87.412
_cell.angle_alpha   90.00
_cell.angle_beta   91.63
_cell.angle_gamma   90.00
#
_symmetry.space_group_name_H-M   'P 1 21 1'
#
loop_
_entity.id
_entity.type
_entity.pdbx_description
1 polymer 'Endoisopeptidase PeiR'
2 water water
#
_entity_poly.entity_id   1
_entity_poly.type   'polypeptide(L)'
_entity_poly.pdbx_seq_one_letter_code
;MVRFSRDMLQDGAKRMFKWLRKGEGLPNYLIMYDMDRNKEYKLVPKEYAGLYESRNIFWIKNGREPNYVTLTSVARNPLV
MDYQNTNYTACPTSLSLASQMLYHYKSESECAKALGTSKGSGTSPAQLIANAPKLGFKIIPIKRDSKEVKKYLKKGFPVI
CHWQVNQSRNCKGDYTGNFGHYGLIWDMTSTHYVVADPAKGVNRKYKFSCLDNANKGYRQNYYVVCPA
;
_entity_poly.pdbx_strand_id   A,B,C,D
#
# COMPACT_ATOMS: atom_id res chain seq x y z
N MET A 1 16.33 -1.11 -24.01
CA MET A 1 16.40 -2.25 -24.96
C MET A 1 16.10 -3.58 -24.24
N VAL A 2 17.09 -4.17 -23.58
CA VAL A 2 17.01 -5.47 -22.86
C VAL A 2 16.33 -5.28 -21.49
N ARG A 3 15.54 -6.25 -21.08
CA ARG A 3 14.78 -6.22 -19.81
C ARG A 3 15.11 -7.44 -18.94
N PHE A 4 15.11 -7.23 -17.60
CA PHE A 4 15.44 -8.29 -16.66
C PHE A 4 14.35 -8.41 -15.63
N SER A 5 13.91 -9.63 -15.37
CA SER A 5 12.77 -9.87 -14.49
C SER A 5 13.14 -9.67 -13.02
N ARG A 6 12.12 -9.63 -12.17
CA ARG A 6 12.35 -9.51 -10.74
C ARG A 6 13.18 -10.67 -10.21
N ASP A 7 12.86 -11.90 -10.65
CA ASP A 7 13.63 -13.06 -10.23
C ASP A 7 15.08 -12.94 -10.62
N MET A 8 15.34 -12.50 -11.85
CA MET A 8 16.72 -12.31 -12.28
C MET A 8 17.42 -11.24 -11.45
N LEU A 9 16.72 -10.13 -11.16
CA LEU A 9 17.37 -9.08 -10.37
C LEU A 9 17.71 -9.57 -8.98
N GLN A 10 16.79 -10.32 -8.36
CA GLN A 10 17.07 -10.88 -7.03
C GLN A 10 18.27 -11.80 -7.09
N ASP A 11 18.33 -12.65 -8.12
CA ASP A 11 19.44 -13.58 -8.26
C ASP A 11 20.76 -12.84 -8.47
N GLY A 12 20.76 -11.85 -9.36
CA GLY A 12 21.97 -11.09 -9.59
C GLY A 12 22.40 -10.35 -8.33
N ALA A 13 21.44 -9.81 -7.59
CA ALA A 13 21.82 -9.16 -6.35
C ALA A 13 22.43 -10.15 -5.39
N LYS A 14 21.85 -11.33 -5.23
CA LYS A 14 22.45 -12.29 -4.25
C LYS A 14 23.91 -12.55 -4.62
N ARG A 15 24.16 -12.71 -5.90
CA ARG A 15 25.50 -13.04 -6.37
C ARG A 15 26.44 -11.86 -6.18
N MET A 16 25.95 -10.63 -6.34
CA MET A 16 26.81 -9.49 -6.06
C MET A 16 27.16 -9.42 -4.58
N PHE A 17 26.16 -9.65 -3.72
CA PHE A 17 26.37 -9.63 -2.27
C PHE A 17 27.36 -10.70 -1.86
N LYS A 18 27.20 -11.92 -2.36
CA LYS A 18 28.17 -12.98 -2.05
C LYS A 18 29.57 -12.63 -2.57
N TRP A 19 29.67 -12.04 -3.75
CA TRP A 19 30.99 -11.65 -4.25
C TRP A 19 31.63 -10.61 -3.35
N LEU A 20 30.86 -9.58 -2.96
CA LEU A 20 31.38 -8.53 -2.10
C LEU A 20 31.87 -9.07 -0.76
N ARG A 21 31.31 -10.19 -0.31
CA ARG A 21 31.74 -10.78 0.95
C ARG A 21 33.22 -11.13 0.97
N LYS A 22 33.85 -11.32 -0.20
CA LYS A 22 35.27 -11.66 -0.29
C LYS A 22 36.19 -10.51 0.11
N GLY A 23 35.67 -9.30 0.26
CA GLY A 23 36.51 -8.18 0.65
C GLY A 23 37.47 -7.73 -0.43
N GLU A 24 37.25 -8.17 -1.67
CA GLU A 24 38.13 -7.84 -2.79
C GLU A 24 37.47 -6.93 -3.83
N GLY A 25 36.46 -6.14 -3.43
CA GLY A 25 35.86 -5.18 -4.32
C GLY A 25 34.79 -5.79 -5.22
N LEU A 26 34.30 -4.95 -6.16
CA LEU A 26 33.24 -5.33 -7.09
C LEU A 26 33.76 -6.24 -8.21
N PRO A 27 32.92 -7.11 -8.75
CA PRO A 27 33.34 -7.96 -9.88
C PRO A 27 33.48 -7.14 -11.15
N ASN A 28 34.25 -7.70 -12.10
CA ASN A 28 34.48 -7.02 -13.37
C ASN A 28 33.23 -7.03 -14.25
N TYR A 29 32.31 -7.94 -13.97
CA TYR A 29 31.05 -7.98 -14.70
C TYR A 29 30.08 -8.79 -13.87
N LEU A 30 28.82 -8.77 -14.29
CA LEU A 30 27.74 -9.55 -13.70
C LEU A 30 26.98 -10.22 -14.83
N ILE A 31 26.87 -11.56 -14.78
CA ILE A 31 26.12 -12.33 -15.77
C ILE A 31 24.63 -12.23 -15.45
N MET A 32 23.84 -11.87 -16.45
CA MET A 32 22.39 -11.78 -16.31
C MET A 32 21.73 -12.30 -17.59
N TYR A 33 20.50 -12.77 -17.47
CA TYR A 33 19.71 -13.31 -18.62
C TYR A 33 18.41 -12.52 -18.78
N ASP A 34 18.14 -12.02 -19.98
CA ASP A 34 16.93 -11.21 -20.24
C ASP A 34 15.68 -12.05 -20.14
N MET A 35 14.57 -11.44 -19.76
CA MET A 35 13.33 -12.20 -19.55
C MET A 35 12.64 -12.50 -20.89
N ASP A 36 13.13 -11.95 -22.00
CA ASP A 36 12.45 -12.11 -23.30
C ASP A 36 13.08 -13.24 -24.12
N ARG A 37 14.36 -13.12 -24.45
CA ARG A 37 15.03 -14.16 -25.27
C ARG A 37 15.91 -15.06 -24.38
N ASN A 38 15.94 -14.80 -23.07
CA ASN A 38 16.70 -15.59 -22.17
C ASN A 38 18.16 -15.63 -22.60
N LYS A 39 18.65 -14.55 -23.20
CA LYS A 39 20.01 -14.48 -23.70
C LYS A 39 20.95 -14.03 -22.56
N GLU A 40 22.18 -14.53 -22.60
CA GLU A 40 23.17 -14.22 -21.59
C GLU A 40 23.92 -12.92 -21.89
N TYR A 41 24.01 -12.03 -20.89
CA TYR A 41 24.76 -10.78 -20.97
C TYR A 41 25.76 -10.65 -19.83
N LYS A 42 26.91 -10.09 -20.18
CA LYS A 42 27.97 -9.76 -19.22
C LYS A 42 27.95 -8.23 -19.05
N LEU A 43 27.15 -7.75 -18.11
CA LEU A 43 27.02 -6.33 -17.83
C LEU A 43 28.31 -5.88 -17.15
N VAL A 44 28.95 -4.86 -17.70
CA VAL A 44 30.11 -4.23 -17.08
C VAL A 44 29.64 -3.39 -15.89
N PRO A 45 30.54 -2.97 -14.99
CA PRO A 45 30.10 -2.33 -13.73
C PRO A 45 29.16 -1.15 -13.91
N LYS A 46 29.48 -0.24 -14.82
CA LYS A 46 28.54 0.86 -15.01
C LYS A 46 27.17 0.39 -15.46
N GLU A 47 27.09 -0.77 -16.13
CA GLU A 47 25.79 -1.25 -16.56
C GLU A 47 25.04 -1.90 -15.43
N TYR A 48 25.70 -2.75 -14.65
CA TYR A 48 24.94 -3.38 -13.57
C TYR A 48 24.62 -2.37 -12.48
N ALA A 49 25.48 -1.36 -12.28
CA ALA A 49 25.12 -0.27 -11.36
C ALA A 49 23.93 0.53 -11.86
N GLY A 50 23.90 0.84 -13.17
CA GLY A 50 22.75 1.53 -13.72
C GLY A 50 21.47 0.73 -13.59
N LEU A 51 21.56 -0.58 -13.83
CA LEU A 51 20.37 -1.45 -13.74
C LEU A 51 19.78 -1.45 -12.33
N TYR A 52 20.64 -1.63 -11.32
CA TYR A 52 20.15 -1.71 -9.95
C TYR A 52 19.82 -0.34 -9.39
N GLU A 53 20.47 0.72 -9.86
CA GLU A 53 20.02 2.07 -9.52
C GLU A 53 18.56 2.28 -9.94
N SER A 54 18.24 1.90 -11.18
CA SER A 54 16.86 2.02 -11.66
C SER A 54 15.93 1.14 -10.86
N ARG A 55 16.36 -0.08 -10.54
CA ARG A 55 15.56 -0.95 -9.68
C ARG A 55 15.30 -0.29 -8.31
N ASN A 56 16.33 0.31 -7.72
CA ASN A 56 16.21 0.91 -6.38
C ASN A 56 15.36 2.19 -6.39
N ILE A 57 15.39 2.96 -7.47
CA ILE A 57 14.46 4.09 -7.59
C ILE A 57 13.02 3.60 -7.48
N PHE A 58 12.65 2.58 -8.27
CA PHE A 58 11.30 2.06 -8.19
C PHE A 58 10.99 1.54 -6.80
N TRP A 59 11.90 0.75 -6.25
CA TRP A 59 11.70 0.15 -4.94
C TRP A 59 11.54 1.22 -3.86
N ILE A 60 12.38 2.23 -3.90
CA ILE A 60 12.32 3.27 -2.84
C ILE A 60 11.03 4.10 -2.96
N LYS A 61 10.65 4.49 -4.16
CA LYS A 61 9.49 5.36 -4.34
C LYS A 61 8.15 4.63 -4.15
N ASN A 62 8.10 3.35 -4.49
CA ASN A 62 6.83 2.57 -4.49
C ASN A 62 6.74 1.64 -3.29
N GLY A 63 7.81 1.43 -2.54
CA GLY A 63 7.72 0.53 -1.42
C GLY A 63 7.69 -0.93 -1.78
N ARG A 64 7.94 -1.28 -3.04
CA ARG A 64 7.99 -2.67 -3.49
C ARG A 64 8.90 -2.80 -4.71
N GLU A 65 9.41 -4.03 -4.91
CA GLU A 65 10.24 -4.35 -6.07
C GLU A 65 9.49 -4.12 -7.38
N PRO A 66 10.17 -3.64 -8.42
CA PRO A 66 9.58 -3.65 -9.77
C PRO A 66 9.57 -5.08 -10.31
N ASN A 67 8.57 -5.37 -11.17
CA ASN A 67 8.47 -6.71 -11.76
C ASN A 67 9.56 -6.96 -12.76
N TYR A 68 10.09 -5.91 -13.36
CA TYR A 68 11.23 -6.00 -14.25
C TYR A 68 11.84 -4.62 -14.33
N VAL A 69 13.06 -4.58 -14.84
CA VAL A 69 13.79 -3.34 -15.06
C VAL A 69 14.42 -3.43 -16.43
N THR A 70 14.17 -2.43 -17.27
CA THR A 70 14.83 -2.31 -18.55
C THR A 70 16.16 -1.64 -18.34
N LEU A 71 17.20 -2.16 -18.98
CA LEU A 71 18.52 -1.55 -18.94
C LEU A 71 18.48 -0.31 -19.82
N THR A 72 18.44 0.87 -19.19
CA THR A 72 18.33 2.14 -19.91
C THR A 72 19.48 3.10 -19.66
N SER A 73 20.31 2.85 -18.66
CA SER A 73 21.22 3.88 -18.17
C SER A 73 22.49 3.24 -17.60
N VAL A 74 23.48 4.08 -17.35
CA VAL A 74 24.69 3.64 -16.67
C VAL A 74 24.85 4.50 -15.41
N ALA A 75 25.64 4.01 -14.46
CA ALA A 75 25.87 4.75 -13.22
C ALA A 75 27.18 4.28 -12.58
N ARG A 76 27.68 5.10 -11.65
CA ARG A 76 28.89 4.77 -10.90
C ARG A 76 28.63 3.77 -9.79
N ASN A 77 27.39 3.71 -9.30
CA ASN A 77 27.00 2.82 -8.21
C ASN A 77 25.48 2.78 -8.20
N PRO A 78 24.87 1.85 -7.45
CA PRO A 78 23.41 1.73 -7.45
C PRO A 78 22.69 2.61 -6.45
N LEU A 79 23.39 3.54 -5.78
CA LEU A 79 22.83 4.30 -4.67
C LEU A 79 21.76 5.26 -5.17
N VAL A 80 20.63 5.27 -4.48
CA VAL A 80 19.51 6.19 -4.72
C VAL A 80 19.25 6.94 -3.42
N MET A 81 19.25 8.27 -3.45
CA MET A 81 19.04 9.00 -2.20
C MET A 81 17.73 8.57 -1.57
N ASP A 82 17.76 8.30 -0.27
CA ASP A 82 16.58 7.90 0.47
C ASP A 82 16.59 8.69 1.77
N TYR A 83 15.57 9.50 1.97
CA TYR A 83 15.52 10.41 3.12
C TYR A 83 14.87 9.71 4.30
N GLN A 84 15.21 10.14 5.51
CA GLN A 84 14.50 9.58 6.66
C GLN A 84 13.08 10.11 6.68
N ASN A 85 12.17 9.23 7.03
CA ASN A 85 10.74 9.52 7.15
C ASN A 85 10.29 9.77 8.58
N THR A 86 11.21 9.77 9.53
CA THR A 86 10.97 10.36 10.84
C THR A 86 12.20 11.15 11.28
N ASN A 87 12.05 11.87 12.37
CA ASN A 87 13.13 12.63 12.98
C ASN A 87 14.06 11.76 13.83
N TYR A 88 13.80 10.46 13.93
CA TYR A 88 14.59 9.57 14.77
C TYR A 88 15.07 8.34 14.03
N THR A 89 14.99 8.28 12.69
CA THR A 89 15.39 7.08 11.95
C THR A 89 16.60 7.33 11.05
N ALA A 90 17.46 8.31 11.41
CA ALA A 90 18.68 8.51 10.63
C ALA A 90 19.55 7.25 10.56
N CYS A 91 19.65 6.52 11.68
CA CYS A 91 20.54 5.35 11.67
C CYS A 91 20.01 4.22 10.80
N PRO A 92 18.79 3.71 10.97
CA PRO A 92 18.29 2.72 10.00
C PRO A 92 18.22 3.24 8.56
N THR A 93 18.01 4.54 8.34
CA THR A 93 18.06 5.04 6.97
C THR A 93 19.47 4.95 6.38
N SER A 94 20.49 5.27 7.17
CA SER A 94 21.87 5.12 6.71
C SER A 94 22.23 3.66 6.48
N LEU A 95 21.69 2.74 7.28
CA LEU A 95 21.96 1.34 7.04
C LEU A 95 21.25 0.88 5.78
N SER A 96 20.03 1.38 5.54
CA SER A 96 19.32 1.08 4.31
C SER A 96 20.08 1.59 3.10
N LEU A 97 20.65 2.80 3.20
CA LEU A 97 21.47 3.30 2.11
C LEU A 97 22.63 2.37 1.86
N ALA A 98 23.29 1.94 2.93
CA ALA A 98 24.38 0.98 2.79
C ALA A 98 23.91 -0.29 2.11
N SER A 99 22.72 -0.78 2.47
CA SER A 99 22.26 -2.04 1.91
C SER A 99 22.10 -1.96 0.40
N GLN A 100 21.85 -0.76 -0.14
CA GLN A 100 21.81 -0.60 -1.60
C GLN A 100 23.18 -0.86 -2.21
N MET A 101 24.20 -0.26 -1.63
CA MET A 101 25.58 -0.37 -2.08
C MET A 101 26.08 -1.79 -2.03
N LEU A 102 25.57 -2.60 -1.10
CA LEU A 102 25.99 -4.00 -0.94
C LEU A 102 25.10 -4.96 -1.73
N TYR A 103 24.13 -4.44 -2.47
CA TYR A 103 23.22 -5.26 -3.29
C TYR A 103 22.44 -6.25 -2.42
N HIS A 104 21.99 -5.78 -1.26
CA HIS A 104 21.19 -6.58 -0.34
C HIS A 104 20.20 -5.63 0.30
N TYR A 105 19.36 -5.02 -0.53
CA TYR A 105 18.55 -3.89 -0.11
C TYR A 105 17.59 -4.29 0.99
N LYS A 106 17.58 -3.51 2.07
CA LYS A 106 16.58 -3.60 3.14
C LYS A 106 16.08 -2.18 3.34
N SER A 107 14.77 -2.03 3.42
CA SER A 107 14.12 -0.74 3.53
C SER A 107 14.42 -0.06 4.87
N GLU A 108 14.22 1.26 4.93
CA GLU A 108 14.38 1.97 6.21
C GLU A 108 13.55 1.32 7.30
N SER A 109 12.31 0.98 6.98
CA SER A 109 11.37 0.40 7.94
C SER A 109 11.87 -0.96 8.45
N GLU A 110 12.31 -1.84 7.53
CA GLU A 110 12.90 -3.11 7.95
C GLU A 110 14.10 -2.89 8.86
N CYS A 111 14.96 -1.95 8.48
CA CYS A 111 16.17 -1.67 9.29
C CYS A 111 15.76 -1.15 10.67
N ALA A 112 14.79 -0.26 10.74
CA ALA A 112 14.33 0.31 12.03
C ALA A 112 13.80 -0.80 12.94
N LYS A 113 13.02 -1.70 12.37
CA LYS A 113 12.39 -2.77 13.19
C LYS A 113 13.49 -3.66 13.74
N ALA A 114 14.46 -3.99 12.92
CA ALA A 114 15.56 -4.88 13.33
C ALA A 114 16.48 -4.20 14.34
N LEU A 115 16.76 -2.92 14.15
CA LEU A 115 17.72 -2.28 15.05
C LEU A 115 17.10 -1.95 16.41
N GLY A 116 15.77 -1.94 16.50
CA GLY A 116 15.12 -1.48 17.71
C GLY A 116 15.06 0.02 17.83
N THR A 117 15.14 0.74 16.70
CA THR A 117 15.10 2.19 16.70
C THR A 117 13.85 2.71 17.40
N SER A 118 14.01 3.76 18.21
CA SER A 118 12.93 4.28 19.02
C SER A 118 12.84 5.80 18.91
N LYS A 119 11.64 6.31 19.12
CA LYS A 119 11.33 7.76 19.03
C LYS A 119 12.11 8.50 20.10
N GLY A 120 12.32 7.86 21.24
CA GLY A 120 13.03 8.54 22.32
C GLY A 120 14.53 8.47 22.19
N SER A 121 15.09 7.31 21.89
CA SER A 121 16.56 7.29 21.91
C SER A 121 17.17 7.25 20.52
N GLY A 122 16.35 7.12 19.49
CA GLY A 122 16.96 6.97 18.16
C GLY A 122 17.64 5.63 18.13
N THR A 123 18.88 5.58 17.68
CA THR A 123 19.62 4.31 17.66
C THR A 123 21.05 4.54 18.17
N SER A 124 21.50 3.71 19.10
CA SER A 124 22.89 3.82 19.56
C SER A 124 23.82 2.99 18.67
N PRO A 125 25.11 3.32 18.66
CA PRO A 125 26.05 2.48 17.90
C PRO A 125 26.01 1.01 18.31
N ALA A 126 25.88 0.72 19.61
CA ALA A 126 25.77 -0.68 20.01
C ALA A 126 24.53 -1.35 19.40
N GLN A 127 23.38 -0.67 19.36
CA GLN A 127 22.22 -1.27 18.70
C GLN A 127 22.50 -1.56 17.24
N LEU A 128 23.14 -0.62 16.54
CA LEU A 128 23.51 -0.85 15.15
C LEU A 128 24.40 -2.09 15.01
N ILE A 129 25.46 -2.17 15.81
CA ILE A 129 26.40 -3.29 15.67
C ILE A 129 25.72 -4.60 16.03
N ALA A 130 24.92 -4.61 17.11
CA ALA A 130 24.37 -5.85 17.65
C ALA A 130 23.31 -6.45 16.75
N ASN A 131 22.58 -5.62 16.03
CA ASN A 131 21.37 -6.09 15.39
C ASN A 131 21.48 -6.16 13.88
N ALA A 132 22.50 -5.54 13.29
CA ALA A 132 22.70 -5.60 11.85
C ALA A 132 22.76 -7.03 11.33
N PRO A 133 23.32 -8.01 12.06
CA PRO A 133 23.28 -9.40 11.56
C PRO A 133 21.90 -9.91 11.24
N LYS A 134 20.85 -9.36 11.86
CA LYS A 134 19.49 -9.77 11.52
C LYS A 134 19.19 -9.53 10.06
N LEU A 135 19.90 -8.59 9.43
CA LEU A 135 19.64 -8.22 8.05
C LEU A 135 20.67 -8.78 7.08
N GLY A 136 21.63 -9.56 7.57
CA GLY A 136 22.69 -10.08 6.75
C GLY A 136 23.96 -9.27 6.73
N PHE A 137 24.12 -8.30 7.63
CA PHE A 137 25.29 -7.44 7.62
C PHE A 137 26.10 -7.65 8.88
N LYS A 138 27.39 -7.36 8.76
CA LYS A 138 28.33 -7.26 9.87
C LYS A 138 28.79 -5.82 9.89
N ILE A 139 28.92 -5.24 11.08
CA ILE A 139 29.40 -3.86 11.25
C ILE A 139 30.79 -3.91 11.84
N ILE A 140 31.75 -3.28 11.18
CA ILE A 140 33.10 -3.23 11.72
C ILE A 140 33.35 -1.82 12.28
N PRO A 141 33.42 -1.65 13.59
CA PRO A 141 33.82 -0.33 14.14
C PRO A 141 35.27 -0.04 13.80
N ILE A 142 35.53 1.13 13.23
CA ILE A 142 36.86 1.54 12.86
C ILE A 142 37.14 2.88 13.52
N LYS A 143 38.42 3.26 13.53
CA LYS A 143 38.79 4.54 14.08
C LYS A 143 38.26 5.65 13.17
N ARG A 144 38.08 6.83 13.74
CA ARG A 144 37.61 7.98 12.97
C ARG A 144 38.79 8.55 12.18
N ASP A 145 39.15 7.85 11.12
CA ASP A 145 40.37 8.14 10.40
C ASP A 145 40.14 7.95 8.91
N SER A 146 40.52 8.95 8.12
CA SER A 146 40.24 8.91 6.69
C SER A 146 40.96 7.75 6.01
N LYS A 147 42.14 7.36 6.52
CA LYS A 147 42.82 6.23 5.89
C LYS A 147 42.04 4.93 6.07
N GLU A 148 41.46 4.72 7.25
CA GLU A 148 40.66 3.52 7.48
C GLU A 148 39.39 3.55 6.61
N VAL A 149 38.73 4.71 6.51
CA VAL A 149 37.54 4.83 5.66
C VAL A 149 37.86 4.46 4.22
N LYS A 150 38.95 5.02 3.72
CA LYS A 150 39.40 4.68 2.36
C LYS A 150 39.73 3.19 2.26
N LYS A 151 40.35 2.58 3.27
CA LYS A 151 40.64 1.16 3.15
C LYS A 151 39.37 0.38 2.86
N TYR A 152 38.27 0.69 3.56
CA TYR A 152 37.06 -0.10 3.39
C TYR A 152 36.22 0.33 2.19
N LEU A 153 36.19 1.61 1.85
CA LEU A 153 35.52 2.01 0.62
C LEU A 153 36.12 1.29 -0.59
N LYS A 154 37.43 1.07 -0.55
CA LYS A 154 38.15 0.42 -1.64
C LYS A 154 37.72 -1.03 -1.79
N LYS A 155 37.22 -1.65 -0.72
CA LYS A 155 36.63 -2.98 -0.78
C LYS A 155 35.17 -2.95 -1.21
N GLY A 156 34.62 -1.78 -1.47
CA GLY A 156 33.21 -1.67 -1.77
C GLY A 156 32.30 -1.65 -0.56
N PHE A 157 32.84 -1.47 0.66
CA PHE A 157 32.03 -1.43 1.88
C PHE A 157 31.79 0.03 2.28
N PRO A 158 30.55 0.50 2.37
CA PRO A 158 30.32 1.88 2.80
C PRO A 158 30.45 2.01 4.32
N VAL A 159 30.50 3.25 4.80
CA VAL A 159 30.86 3.48 6.21
C VAL A 159 29.86 4.41 6.86
N ILE A 160 29.12 3.90 7.84
CA ILE A 160 28.17 4.74 8.54
C ILE A 160 28.92 5.68 9.47
N CYS A 161 28.59 6.97 9.41
CA CYS A 161 29.19 7.94 10.28
C CYS A 161 28.18 8.41 11.32
N HIS A 162 28.69 8.79 12.49
CA HIS A 162 27.89 9.23 13.64
C HIS A 162 28.49 10.53 14.15
N TRP A 163 27.67 11.55 14.37
CA TRP A 163 28.23 12.81 14.84
C TRP A 163 27.14 13.67 15.45
N GLN A 164 27.56 14.67 16.24
CA GLN A 164 26.66 15.62 16.87
C GLN A 164 26.65 16.85 15.96
N VAL A 165 25.51 17.11 15.32
CA VAL A 165 25.50 18.11 14.26
C VAL A 165 25.92 19.49 14.78
N ASN A 166 25.67 19.79 16.05
CA ASN A 166 26.11 21.09 16.59
C ASN A 166 27.61 21.24 16.57
N GLN A 167 28.35 20.13 16.67
CA GLN A 167 29.80 20.20 16.64
C GLN A 167 30.37 20.41 15.24
N SER A 168 29.54 20.35 14.18
CA SER A 168 30.01 20.59 12.82
C SER A 168 29.49 21.90 12.25
N ARG A 169 28.92 22.75 13.09
CA ARG A 169 28.25 23.93 12.57
C ARG A 169 29.24 24.96 12.06
N ASN A 170 30.40 25.09 12.68
CA ASN A 170 31.35 26.08 12.17
C ASN A 170 32.20 25.53 11.03
N CYS A 171 32.45 24.21 10.98
CA CYS A 171 33.28 23.62 9.95
C CYS A 171 32.50 23.02 8.78
N LYS A 172 31.18 22.90 8.86
CA LYS A 172 30.40 22.49 7.69
C LYS A 172 29.14 23.34 7.62
N GLY A 173 28.31 23.29 8.66
CA GLY A 173 27.20 24.22 8.80
C GLY A 173 25.86 23.86 8.17
N ASP A 174 25.58 22.58 7.93
CA ASP A 174 24.27 22.23 7.44
C ASP A 174 23.19 22.46 8.51
N TYR A 175 23.56 22.39 9.79
CA TYR A 175 22.58 22.35 10.88
C TYR A 175 22.81 23.47 11.89
N THR A 176 21.70 24.00 12.41
CA THR A 176 21.72 24.95 13.51
C THR A 176 21.27 24.32 14.81
N GLY A 177 20.66 23.13 14.74
CA GLY A 177 20.13 22.44 15.89
C GLY A 177 21.19 21.68 16.66
N ASN A 178 20.71 20.96 17.68
CA ASN A 178 21.52 20.18 18.62
C ASN A 178 20.93 18.77 18.73
N PHE A 179 21.60 17.78 18.11
CA PHE A 179 21.17 16.39 18.21
C PHE A 179 22.25 15.50 17.62
N GLY A 180 22.24 14.23 18.03
CA GLY A 180 23.10 13.20 17.40
C GLY A 180 22.53 12.72 16.07
N HIS A 181 23.41 12.31 15.16
CA HIS A 181 22.95 12.07 13.80
C HIS A 181 23.81 11.00 13.15
N TYR A 182 23.27 10.39 12.07
CA TYR A 182 24.00 9.39 11.30
C TYR A 182 23.87 9.69 9.82
N GLY A 183 24.88 9.30 9.05
CA GLY A 183 24.87 9.38 7.60
C GLY A 183 25.72 8.24 7.10
N LEU A 184 25.86 8.15 5.76
CA LEU A 184 26.64 7.10 5.12
C LEU A 184 27.75 7.69 4.28
N ILE A 185 29.00 7.45 4.66
CA ILE A 185 30.14 7.82 3.82
C ILE A 185 30.23 6.80 2.69
N TRP A 186 29.97 7.24 1.45
CA TRP A 186 30.05 6.34 0.31
C TRP A 186 31.17 6.73 -0.66
N ASP A 187 31.86 7.84 -0.42
CA ASP A 187 32.94 8.31 -1.28
C ASP A 187 33.82 9.29 -0.51
N MET A 188 34.97 9.62 -1.10
CA MET A 188 35.90 10.59 -0.53
C MET A 188 36.67 11.30 -1.63
N THR A 189 36.97 12.57 -1.40
CA THR A 189 37.99 13.26 -2.17
C THR A 189 39.30 13.20 -1.38
N SER A 190 40.30 13.95 -1.80
CA SER A 190 41.56 14.00 -1.06
C SER A 190 41.43 14.74 0.26
N THR A 191 40.34 15.49 0.45
CA THR A 191 40.17 16.30 1.65
C THR A 191 38.85 16.07 2.39
N HIS A 192 37.82 15.53 1.71
CA HIS A 192 36.45 15.49 2.26
C HIS A 192 35.86 14.09 2.26
N TYR A 193 35.09 13.76 3.30
CA TYR A 193 34.17 12.64 3.20
C TYR A 193 32.97 13.06 2.36
N VAL A 194 32.45 12.15 1.55
CA VAL A 194 31.20 12.40 0.83
C VAL A 194 30.13 11.63 1.58
N VAL A 195 29.20 12.36 2.22
CA VAL A 195 28.22 11.80 3.14
C VAL A 195 26.82 11.90 2.53
N ALA A 196 26.16 10.74 2.42
CA ALA A 196 24.73 10.66 2.20
C ALA A 196 24.05 10.87 3.54
N ASP A 197 23.45 12.06 3.71
CA ASP A 197 22.80 12.47 4.95
C ASP A 197 21.30 12.33 4.82
N PRO A 198 20.65 11.45 5.59
CA PRO A 198 19.22 11.19 5.39
C PRO A 198 18.32 12.39 5.65
N ALA A 199 18.88 13.48 6.20
CA ALA A 199 18.12 14.68 6.48
C ALA A 199 18.49 15.85 5.57
N LYS A 200 19.40 15.63 4.62
CA LYS A 200 19.86 16.78 3.81
C LYS A 200 20.10 16.47 2.35
N GLY A 201 20.78 15.38 2.02
CA GLY A 201 21.09 15.13 0.63
C GLY A 201 22.15 14.07 0.51
N VAL A 202 22.33 13.60 -0.73
CA VAL A 202 23.18 12.42 -0.96
C VAL A 202 24.66 12.76 -0.97
N ASN A 203 24.99 14.05 -0.98
CA ASN A 203 26.29 14.53 -1.42
C ASN A 203 26.92 15.55 -0.44
N ARG A 204 26.70 15.40 0.87
CA ARG A 204 27.20 16.39 1.83
C ARG A 204 28.69 16.17 2.09
N LYS A 205 29.51 17.18 1.82
CA LYS A 205 30.96 17.05 1.86
C LYS A 205 31.49 17.61 3.18
N TYR A 206 32.12 16.74 3.98
CA TYR A 206 32.66 17.10 5.29
C TYR A 206 34.18 16.98 5.24
N LYS A 207 34.87 18.05 5.61
CA LYS A 207 36.32 17.98 5.76
C LYS A 207 36.64 16.90 6.79
N PHE A 208 37.64 16.06 6.50
CA PHE A 208 37.94 14.93 7.39
C PHE A 208 37.95 15.36 8.85
N SER A 209 38.75 16.39 9.16
CA SER A 209 38.88 16.77 10.57
C SER A 209 37.55 17.27 11.14
N CYS A 210 36.71 17.91 10.31
CA CYS A 210 35.41 18.40 10.75
C CYS A 210 34.50 17.26 11.21
N LEU A 211 34.34 16.23 10.38
CA LEU A 211 33.55 15.07 10.79
C LEU A 211 34.24 14.28 11.91
N ASP A 212 35.55 14.01 11.76
CA ASP A 212 36.27 13.20 12.75
C ASP A 212 36.10 13.73 14.17
N ASN A 213 36.18 15.05 14.33
CA ASN A 213 36.18 15.66 15.65
C ASN A 213 34.79 16.06 16.12
N ALA A 214 33.75 15.71 15.35
CA ALA A 214 32.43 16.21 15.63
C ALA A 214 31.62 15.28 16.51
N ASN A 215 32.28 14.38 17.24
CA ASN A 215 31.56 13.49 18.13
C ASN A 215 32.20 13.50 19.51
N LYS A 216 32.68 14.66 19.96
CA LYS A 216 33.32 14.76 21.28
C LYS A 216 32.30 14.43 22.36
N GLY A 217 32.70 13.58 23.30
CA GLY A 217 31.82 13.10 24.34
C GLY A 217 31.11 11.80 24.01
N TYR A 218 31.22 11.33 22.77
CA TYR A 218 30.53 10.14 22.31
C TYR A 218 31.55 9.20 21.65
N ARG A 219 31.06 8.03 21.28
CA ARG A 219 31.93 6.94 20.84
C ARG A 219 32.78 7.33 19.64
N GLN A 220 34.08 7.07 19.73
CA GLN A 220 35.03 7.50 18.71
C GLN A 220 35.23 6.43 17.63
N ASN A 221 34.15 6.14 16.89
CA ASN A 221 34.21 5.19 15.79
C ASN A 221 33.36 5.69 14.63
N TYR A 222 33.69 5.17 13.45
CA TYR A 222 32.79 4.99 12.31
C TYR A 222 32.47 3.50 12.20
N TYR A 223 31.50 3.16 11.34
CA TYR A 223 30.93 1.82 11.34
C TYR A 223 30.87 1.27 9.91
N VAL A 224 31.81 0.40 9.56
CA VAL A 224 31.81 -0.17 8.23
C VAL A 224 30.65 -1.17 8.13
N VAL A 225 29.93 -1.13 7.01
CA VAL A 225 28.87 -2.11 6.78
C VAL A 225 29.39 -3.12 5.76
N CYS A 226 29.39 -4.39 6.10
CA CYS A 226 29.79 -5.41 5.13
C CYS A 226 28.89 -6.64 5.22
N PRO A 227 28.95 -7.51 4.21
CA PRO A 227 28.15 -8.74 4.26
C PRO A 227 28.63 -9.63 5.40
N ALA A 228 27.68 -10.21 6.12
CA ALA A 228 28.01 -11.07 7.24
C ALA A 228 28.43 -12.44 6.72
N MET B 1 -18.99 -26.06 -16.88
CA MET B 1 -19.42 -27.20 -17.72
C MET B 1 -19.52 -28.51 -16.92
N VAL B 2 -18.48 -28.91 -16.17
CA VAL B 2 -18.45 -30.21 -15.42
C VAL B 2 -19.13 -30.05 -14.05
N ARG B 3 -19.93 -31.02 -13.59
CA ARG B 3 -20.62 -30.90 -12.33
C ARG B 3 -20.24 -32.10 -11.49
N PHE B 4 -20.17 -31.90 -10.18
CA PHE B 4 -19.82 -32.97 -9.28
C PHE B 4 -20.92 -33.09 -8.24
N SER B 5 -21.37 -34.31 -8.01
CA SER B 5 -22.52 -34.54 -7.14
C SER B 5 -22.12 -34.35 -5.67
N ARG B 6 -23.14 -34.31 -4.81
CA ARG B 6 -22.89 -34.21 -3.38
C ARG B 6 -22.11 -35.41 -2.87
N ASP B 7 -22.47 -36.61 -3.32
CA ASP B 7 -21.74 -37.80 -2.89
C ASP B 7 -20.26 -37.69 -3.26
N MET B 8 -19.97 -37.24 -4.48
CA MET B 8 -18.59 -37.04 -4.92
C MET B 8 -17.90 -35.96 -4.10
N LEU B 9 -18.61 -34.89 -3.77
CA LEU B 9 -17.99 -33.81 -3.00
C LEU B 9 -17.63 -34.27 -1.60
N GLN B 10 -18.53 -35.03 -0.96
CA GLN B 10 -18.22 -35.56 0.38
C GLN B 10 -17.02 -36.49 0.33
N ASP B 11 -16.95 -37.34 -0.70
CA ASP B 11 -15.84 -38.29 -0.82
C ASP B 11 -14.52 -37.59 -1.08
N GLY B 12 -14.55 -36.55 -1.91
CA GLY B 12 -13.33 -35.78 -2.15
C GLY B 12 -12.88 -35.06 -0.90
N ALA B 13 -13.81 -34.52 -0.12
CA ALA B 13 -13.46 -33.80 1.11
C ALA B 13 -12.81 -34.76 2.11
N LYS B 14 -13.38 -35.96 2.22
CA LYS B 14 -12.82 -36.99 3.12
C LYS B 14 -11.38 -37.26 2.72
N ARG B 15 -11.13 -37.45 1.43
CA ARG B 15 -9.77 -37.72 0.95
C ARG B 15 -8.86 -36.53 1.22
N MET B 16 -9.37 -35.31 1.09
CA MET B 16 -8.50 -34.16 1.38
C MET B 16 -8.19 -34.08 2.85
N PHE B 17 -9.18 -34.33 3.69
CA PHE B 17 -9.00 -34.34 5.15
C PHE B 17 -7.97 -35.39 5.56
N LYS B 18 -8.11 -36.62 5.04
CA LYS B 18 -7.14 -37.66 5.35
C LYS B 18 -5.75 -37.33 4.84
N TRP B 19 -5.65 -36.71 3.66
CA TRP B 19 -4.34 -36.28 3.16
C TRP B 19 -3.71 -35.24 4.07
N LEU B 20 -4.49 -34.22 4.47
CA LEU B 20 -3.97 -33.17 5.35
C LEU B 20 -3.48 -33.73 6.68
N ARG B 21 -4.05 -34.86 7.12
CA ARG B 21 -3.65 -35.46 8.38
C ARG B 21 -2.17 -35.85 8.41
N LYS B 22 -1.53 -36.00 7.24
CA LYS B 22 -0.11 -36.33 7.18
C LYS B 22 0.80 -35.17 7.59
N GLY B 23 0.28 -33.97 7.72
CA GLY B 23 1.14 -32.86 8.08
C GLY B 23 2.09 -32.42 6.99
N GLU B 24 1.83 -32.84 5.74
CA GLU B 24 2.69 -32.50 4.62
C GLU B 24 2.03 -31.54 3.63
N GLY B 25 1.03 -30.77 4.06
CA GLY B 25 0.44 -29.80 3.17
C GLY B 25 -0.60 -30.42 2.26
N LEU B 26 -1.11 -29.59 1.34
CA LEU B 26 -2.16 -29.94 0.40
C LEU B 26 -1.61 -30.81 -0.74
N PRO B 27 -2.43 -31.69 -1.30
CA PRO B 27 -1.97 -32.50 -2.43
C PRO B 27 -1.82 -31.67 -3.70
N ASN B 28 -1.06 -32.22 -4.64
CA ASN B 28 -0.83 -31.56 -5.92
C ASN B 28 -2.07 -31.62 -6.81
N TYR B 29 -2.98 -32.55 -6.53
CA TYR B 29 -4.21 -32.66 -7.29
C TYR B 29 -5.19 -33.46 -6.45
N LEU B 30 -6.45 -33.44 -6.87
CA LEU B 30 -7.53 -34.20 -6.24
C LEU B 30 -8.30 -34.86 -7.37
N ILE B 31 -8.44 -36.19 -7.30
CA ILE B 31 -9.18 -36.93 -8.32
C ILE B 31 -10.68 -36.85 -8.03
N MET B 32 -11.46 -36.50 -9.06
CA MET B 32 -12.91 -36.43 -8.97
C MET B 32 -13.55 -36.99 -10.25
N TYR B 33 -14.75 -37.52 -10.11
CA TYR B 33 -15.55 -38.04 -11.23
C TYR B 33 -16.83 -37.23 -11.40
N ASP B 34 -17.09 -36.76 -12.62
CA ASP B 34 -18.27 -35.92 -12.80
C ASP B 34 -19.54 -36.77 -12.81
N MET B 35 -20.65 -36.14 -12.44
CA MET B 35 -21.90 -36.89 -12.23
C MET B 35 -22.63 -37.18 -13.54
N ASP B 36 -22.23 -36.54 -14.65
CA ASP B 36 -22.96 -36.73 -15.93
C ASP B 36 -22.32 -37.81 -16.78
N ARG B 37 -21.00 -37.77 -16.98
CA ARG B 37 -20.33 -38.76 -17.83
C ARG B 37 -19.46 -39.70 -17.01
N ASN B 38 -19.41 -39.52 -15.69
CA ASN B 38 -18.59 -40.40 -14.82
C ASN B 38 -17.13 -40.36 -15.28
N LYS B 39 -16.66 -39.27 -15.86
CA LYS B 39 -15.29 -39.24 -16.36
C LYS B 39 -14.34 -38.79 -15.24
N GLU B 40 -13.10 -39.29 -15.27
CA GLU B 40 -12.09 -38.93 -14.26
C GLU B 40 -11.46 -37.57 -14.53
N TYR B 41 -11.45 -36.70 -13.52
CA TYR B 41 -10.76 -35.42 -13.60
C TYR B 41 -9.70 -35.30 -12.51
N LYS B 42 -8.52 -34.80 -12.90
CA LYS B 42 -7.44 -34.50 -11.98
C LYS B 42 -7.42 -32.98 -11.77
N LEU B 43 -8.10 -32.53 -10.71
CA LEU B 43 -8.21 -31.11 -10.41
C LEU B 43 -6.96 -30.59 -9.72
N VAL B 44 -6.39 -29.52 -10.27
CA VAL B 44 -5.23 -28.85 -9.68
C VAL B 44 -5.69 -28.02 -8.47
N PRO B 45 -4.79 -27.57 -7.59
CA PRO B 45 -5.25 -26.94 -6.34
C PRO B 45 -6.18 -25.74 -6.52
N LYS B 46 -5.87 -24.83 -7.45
CA LYS B 46 -6.79 -23.72 -7.67
C LYS B 46 -8.17 -24.19 -8.11
N GLU B 47 -8.25 -25.38 -8.74
CA GLU B 47 -9.53 -25.91 -9.19
C GLU B 47 -10.30 -26.57 -8.05
N TYR B 48 -9.64 -27.42 -7.26
CA TYR B 48 -10.40 -28.03 -6.18
C TYR B 48 -10.72 -27.01 -5.08
N ALA B 49 -9.86 -26.00 -4.87
CA ALA B 49 -10.23 -24.91 -3.93
C ALA B 49 -11.44 -24.11 -4.43
N GLY B 50 -11.50 -23.80 -5.74
CA GLY B 50 -12.66 -23.10 -6.29
C GLY B 50 -13.93 -23.93 -6.18
N LEU B 51 -13.84 -25.23 -6.46
CA LEU B 51 -15.00 -26.10 -6.39
C LEU B 51 -15.57 -26.12 -4.98
N TYR B 52 -14.71 -26.33 -3.98
CA TYR B 52 -15.17 -26.44 -2.61
C TYR B 52 -15.51 -25.08 -2.03
N GLU B 53 -14.86 -24.01 -2.49
CA GLU B 53 -15.33 -22.66 -2.13
C GLU B 53 -16.78 -22.45 -2.59
N SER B 54 -17.09 -22.84 -3.83
CA SER B 54 -18.46 -22.73 -4.31
C SER B 54 -19.39 -23.64 -3.50
N ARG B 55 -18.95 -24.86 -3.21
CA ARG B 55 -19.74 -25.72 -2.34
C ARG B 55 -20.01 -25.06 -0.99
N ASN B 56 -18.98 -24.43 -0.41
CA ASN B 56 -19.08 -23.86 0.93
C ASN B 56 -19.95 -22.60 0.98
N ILE B 57 -19.95 -21.80 -0.09
CA ILE B 57 -20.87 -20.67 -0.19
C ILE B 57 -22.31 -21.17 -0.07
N PHE B 58 -22.69 -22.17 -0.89
CA PHE B 58 -24.04 -22.70 -0.81
C PHE B 58 -24.34 -23.21 0.59
N TRP B 59 -23.42 -24.00 1.15
CA TRP B 59 -23.62 -24.60 2.46
C TRP B 59 -23.76 -23.55 3.57
N ILE B 60 -22.90 -22.53 3.58
CA ILE B 60 -22.98 -21.50 4.63
C ILE B 60 -24.28 -20.71 4.50
N LYS B 61 -24.62 -20.30 3.28
CA LYS B 61 -25.78 -19.42 3.08
C LYS B 61 -27.11 -20.14 3.31
N ASN B 62 -27.20 -21.42 2.91
CA ASN B 62 -28.48 -22.13 2.95
C ASN B 62 -28.63 -23.09 4.12
N GLY B 63 -27.56 -23.35 4.87
CA GLY B 63 -27.67 -24.27 5.98
C GLY B 63 -27.74 -25.72 5.57
N ARG B 64 -27.50 -26.04 4.28
CA ARG B 64 -27.50 -27.42 3.80
C ARG B 64 -26.58 -27.53 2.59
N GLU B 65 -26.05 -28.74 2.38
CA GLU B 65 -25.16 -29.01 1.26
C GLU B 65 -25.87 -28.80 -0.07
N PRO B 66 -25.17 -28.34 -1.10
CA PRO B 66 -25.76 -28.37 -2.44
C PRO B 66 -25.75 -29.81 -2.94
N ASN B 67 -26.75 -30.12 -3.77
CA ASN B 67 -26.87 -31.47 -4.35
C ASN B 67 -25.77 -31.74 -5.36
N TYR B 68 -25.22 -30.69 -5.96
CA TYR B 68 -24.10 -30.81 -6.87
C TYR B 68 -23.49 -29.43 -6.98
N VAL B 69 -22.26 -29.38 -7.48
CA VAL B 69 -21.57 -28.12 -7.70
C VAL B 69 -20.89 -28.19 -9.06
N THR B 70 -21.13 -27.17 -9.88
CA THR B 70 -20.47 -27.02 -11.17
C THR B 70 -19.12 -26.37 -10.96
N LEU B 71 -18.10 -26.89 -11.62
CA LEU B 71 -16.78 -26.27 -11.58
C LEU B 71 -16.82 -25.00 -12.41
N THR B 72 -16.88 -23.83 -11.77
CA THR B 72 -17.00 -22.58 -12.51
C THR B 72 -15.87 -21.61 -12.26
N SER B 73 -15.04 -21.85 -11.24
CA SER B 73 -14.14 -20.82 -10.75
C SER B 73 -12.89 -21.48 -10.16
N VAL B 74 -11.89 -20.65 -9.89
CA VAL B 74 -10.67 -21.07 -9.22
C VAL B 74 -10.53 -20.21 -7.98
N ALA B 75 -9.73 -20.67 -7.02
CA ALA B 75 -9.49 -19.93 -5.78
C ALA B 75 -8.20 -20.41 -5.15
N ARG B 76 -7.67 -19.62 -4.23
CA ARG B 76 -6.45 -19.98 -3.49
C ARG B 76 -6.73 -20.97 -2.39
N ASN B 77 -7.96 -21.01 -1.88
CA ASN B 77 -8.37 -21.89 -0.79
C ASN B 77 -9.88 -21.94 -0.81
N PRO B 78 -10.49 -22.87 -0.08
CA PRO B 78 -11.96 -22.98 -0.11
C PRO B 78 -12.67 -22.09 0.91
N LEU B 79 -11.95 -21.18 1.59
CA LEU B 79 -12.53 -20.47 2.73
C LEU B 79 -13.59 -19.49 2.25
N VAL B 80 -14.72 -19.48 2.94
CA VAL B 80 -15.82 -18.52 2.72
C VAL B 80 -16.08 -17.80 4.04
N MET B 81 -16.11 -16.46 4.00
CA MET B 81 -16.38 -15.70 5.23
C MET B 81 -17.67 -16.18 5.86
N ASP B 82 -17.63 -16.36 7.17
CA ASP B 82 -18.80 -16.78 7.95
C ASP B 82 -18.80 -15.99 9.26
N TYR B 83 -19.89 -15.32 9.57
CA TYR B 83 -19.98 -14.45 10.74
C TYR B 83 -20.59 -15.17 11.95
N GLN B 84 -20.23 -14.71 13.13
CA GLN B 84 -20.88 -15.27 14.31
C GLN B 84 -22.35 -14.84 14.35
N ASN B 85 -23.20 -15.75 14.82
CA ASN B 85 -24.63 -15.52 14.86
C ASN B 85 -25.09 -14.88 16.14
N THR B 86 -24.23 -14.85 17.16
CA THR B 86 -24.48 -14.21 18.43
C THR B 86 -23.23 -13.47 18.87
N ASN B 87 -23.35 -12.70 19.96
CA ASN B 87 -22.17 -12.02 20.47
C ASN B 87 -21.28 -12.96 21.29
N TYR B 88 -21.63 -14.25 21.40
CA TYR B 88 -20.83 -15.16 22.22
C TYR B 88 -20.36 -16.39 21.46
N THR B 89 -20.45 -16.43 20.12
CA THR B 89 -20.06 -17.62 19.36
C THR B 89 -18.83 -17.36 18.49
N ALA B 90 -17.97 -16.40 18.87
CA ALA B 90 -16.74 -16.19 18.10
C ALA B 90 -15.87 -17.45 18.03
N CYS B 91 -15.75 -18.21 19.12
CA CYS B 91 -14.88 -19.39 19.10
C CYS B 91 -15.44 -20.50 18.21
N PRO B 92 -16.65 -20.99 18.37
CA PRO B 92 -17.14 -21.99 17.39
C PRO B 92 -17.18 -21.47 15.96
N THR B 93 -17.38 -20.18 15.72
CA THR B 93 -17.32 -19.71 14.33
C THR B 93 -15.92 -19.81 13.76
N SER B 94 -14.90 -19.47 14.57
CA SER B 94 -13.52 -19.63 14.12
C SER B 94 -13.17 -21.09 13.85
N LEU B 95 -13.71 -21.99 14.67
CA LEU B 95 -13.46 -23.42 14.44
C LEU B 95 -14.19 -23.89 13.19
N SER B 96 -15.39 -23.36 12.96
CA SER B 96 -16.10 -23.66 11.71
C SER B 96 -15.33 -23.13 10.52
N LEU B 97 -14.77 -21.92 10.63
CA LEU B 97 -13.91 -21.41 9.55
C LEU B 97 -12.74 -22.34 9.30
N ALA B 98 -12.08 -22.79 10.37
CA ALA B 98 -10.98 -23.73 10.19
C ALA B 98 -11.45 -25.00 9.49
N SER B 99 -12.63 -25.50 9.84
CA SER B 99 -13.08 -26.76 9.29
C SER B 99 -13.26 -26.67 7.78
N GLN B 100 -13.54 -25.47 7.26
CA GLN B 100 -13.56 -25.29 5.80
C GLN B 100 -12.18 -25.52 5.19
N MET B 101 -11.16 -24.90 5.78
CA MET B 101 -9.80 -25.02 5.29
C MET B 101 -9.31 -26.46 5.34
N LEU B 102 -9.83 -27.25 6.28
CA LEU B 102 -9.40 -28.65 6.45
C LEU B 102 -10.27 -29.63 5.66
N TYR B 103 -11.24 -29.14 4.91
CA TYR B 103 -12.12 -29.97 4.09
C TYR B 103 -12.88 -30.98 4.94
N HIS B 104 -13.34 -30.52 6.10
CA HIS B 104 -14.16 -31.33 7.01
C HIS B 104 -15.16 -30.39 7.68
N TYR B 105 -15.99 -29.77 6.85
CA TYR B 105 -16.79 -28.65 7.30
C TYR B 105 -17.75 -29.04 8.41
N LYS B 106 -17.76 -28.24 9.47
CA LYS B 106 -18.74 -28.33 10.54
C LYS B 106 -19.30 -26.93 10.74
N SER B 107 -20.63 -26.81 10.82
CA SER B 107 -21.28 -25.52 10.91
C SER B 107 -20.98 -24.82 12.24
N GLU B 108 -21.19 -23.51 12.26
CA GLU B 108 -21.02 -22.78 13.52
C GLU B 108 -21.88 -23.40 14.62
N SER B 109 -23.12 -23.73 14.30
CA SER B 109 -24.02 -24.34 15.26
C SER B 109 -23.50 -25.69 15.76
N GLU B 110 -23.04 -26.56 14.83
CA GLU B 110 -22.47 -27.83 15.27
C GLU B 110 -21.28 -27.61 16.21
N CYS B 111 -20.42 -26.67 15.86
CA CYS B 111 -19.23 -26.43 16.69
C CYS B 111 -19.63 -25.87 18.06
N ALA B 112 -20.61 -24.96 18.11
CA ALA B 112 -21.00 -24.40 19.40
C ALA B 112 -21.54 -25.47 20.33
N LYS B 113 -22.41 -26.34 19.81
CA LYS B 113 -22.95 -27.41 20.63
C LYS B 113 -21.85 -28.35 21.11
N ALA B 114 -20.91 -28.70 20.24
CA ALA B 114 -19.85 -29.63 20.68
C ALA B 114 -18.95 -28.98 21.72
N LEU B 115 -18.59 -27.72 21.53
CA LEU B 115 -17.69 -27.07 22.47
C LEU B 115 -18.36 -26.73 23.79
N GLY B 116 -19.69 -26.70 23.84
CA GLY B 116 -20.39 -26.23 25.02
C GLY B 116 -20.41 -24.72 25.17
N THR B 117 -20.26 -23.97 24.10
CA THR B 117 -20.32 -22.49 24.17
C THR B 117 -21.64 -21.99 24.80
N SER B 118 -21.49 -20.98 25.66
CA SER B 118 -22.62 -20.45 26.43
C SER B 118 -22.73 -18.94 26.34
N LYS B 119 -23.96 -18.48 26.44
CA LYS B 119 -24.35 -17.06 26.37
C LYS B 119 -23.61 -16.29 27.45
N GLY B 120 -23.67 -16.77 28.68
CA GLY B 120 -22.98 -15.99 29.75
C GLY B 120 -21.45 -15.92 29.66
N SER B 121 -20.82 -17.03 29.37
CA SER B 121 -19.38 -17.14 29.52
C SER B 121 -18.62 -17.42 28.21
N GLY B 122 -19.29 -17.59 27.06
CA GLY B 122 -18.58 -17.83 25.80
C GLY B 122 -17.91 -19.21 25.72
N THR B 123 -16.66 -19.23 25.26
CA THR B 123 -15.83 -20.44 25.19
C THR B 123 -14.42 -20.18 25.70
N SER B 124 -13.95 -21.04 26.60
CA SER B 124 -12.56 -20.93 27.04
C SER B 124 -11.65 -21.74 26.10
N PRO B 125 -10.35 -21.40 26.06
CA PRO B 125 -9.41 -22.23 25.28
C PRO B 125 -9.38 -23.69 25.70
N ALA B 126 -9.43 -23.99 27.00
CA ALA B 126 -9.48 -25.39 27.41
C ALA B 126 -10.72 -26.08 26.85
N GLN B 127 -11.84 -25.36 26.83
CA GLN B 127 -13.07 -25.90 26.23
C GLN B 127 -12.86 -26.25 24.76
N LEU B 128 -12.22 -25.36 24.01
CA LEU B 128 -11.90 -25.61 22.61
C LEU B 128 -11.03 -26.85 22.44
N ILE B 129 -9.95 -26.94 23.24
CA ILE B 129 -9.01 -28.05 23.12
C ILE B 129 -9.68 -29.36 23.50
N ALA B 130 -10.46 -29.34 24.58
CA ALA B 130 -11.01 -30.59 25.11
C ALA B 130 -12.10 -31.16 24.23
N ASN B 131 -12.83 -30.32 23.50
CA ASN B 131 -14.02 -30.78 22.81
C ASN B 131 -13.91 -30.81 21.30
N ALA B 132 -12.90 -30.19 20.72
CA ALA B 132 -12.69 -30.26 19.28
C ALA B 132 -12.63 -31.69 18.74
N PRO B 133 -12.09 -32.67 19.48
CA PRO B 133 -12.11 -34.05 18.99
C PRO B 133 -13.49 -34.58 18.67
N LYS B 134 -14.54 -34.06 19.31
CA LYS B 134 -15.89 -34.48 18.96
C LYS B 134 -16.20 -34.24 17.49
N LEU B 135 -15.49 -33.31 16.85
CA LEU B 135 -15.74 -32.95 15.45
C LEU B 135 -14.69 -33.52 14.52
N GLY B 136 -13.74 -34.28 15.04
CA GLY B 136 -12.68 -34.85 14.22
C GLY B 136 -11.42 -34.05 14.18
N PHE B 137 -11.24 -33.08 15.09
CA PHE B 137 -10.09 -32.19 15.06
C PHE B 137 -9.24 -32.38 16.30
N LYS B 138 -7.96 -32.08 16.16
CA LYS B 138 -7.04 -31.96 17.27
C LYS B 138 -6.57 -30.51 17.33
N ILE B 139 -6.47 -29.97 18.54
CA ILE B 139 -6.01 -28.59 18.72
C ILE B 139 -4.61 -28.61 19.32
N ILE B 140 -3.64 -27.98 18.66
CA ILE B 140 -2.30 -27.92 19.20
C ILE B 140 -2.05 -26.51 19.73
N PRO B 141 -1.98 -26.28 21.05
CA PRO B 141 -1.61 -24.95 21.55
C PRO B 141 -0.17 -24.65 21.16
N ILE B 142 0.04 -23.46 20.62
CA ILE B 142 1.36 -23.03 20.24
C ILE B 142 1.63 -21.71 20.91
N LYS B 143 2.92 -21.36 20.86
CA LYS B 143 3.44 -20.09 21.42
C LYS B 143 2.85 -18.94 20.60
N ARG B 144 2.60 -17.80 21.22
CA ARG B 144 2.10 -16.68 20.42
C ARG B 144 3.26 -16.07 19.62
N ASP B 145 3.66 -16.78 18.56
CA ASP B 145 4.88 -16.46 17.81
C ASP B 145 4.70 -16.72 16.31
N SER B 146 5.07 -15.74 15.47
CA SER B 146 4.81 -15.81 14.01
C SER B 146 5.51 -16.98 13.32
N LYS B 147 6.67 -17.38 13.85
CA LYS B 147 7.39 -18.53 13.26
C LYS B 147 6.55 -19.78 13.52
N GLU B 148 6.05 -19.96 14.74
CA GLU B 148 5.20 -21.15 14.99
C GLU B 148 3.97 -21.08 14.07
N VAL B 149 3.33 -19.92 13.94
CA VAL B 149 2.14 -19.84 13.10
C VAL B 149 2.49 -20.23 11.66
N LYS B 150 3.52 -19.58 11.09
CA LYS B 150 3.98 -19.91 9.75
C LYS B 150 4.24 -21.41 9.59
N LYS B 151 4.86 -22.03 10.59
CA LYS B 151 5.18 -23.45 10.49
C LYS B 151 3.93 -24.29 10.25
N TYR B 152 2.87 -23.99 11.00
CA TYR B 152 1.67 -24.80 10.91
C TYR B 152 0.78 -24.40 9.74
N LEU B 153 0.75 -23.12 9.39
CA LEU B 153 0.06 -22.72 8.16
C LEU B 153 0.64 -23.44 6.93
N LYS B 154 1.96 -23.62 6.92
CA LYS B 154 2.63 -24.24 5.79
C LYS B 154 2.25 -25.71 5.63
N LYS B 155 1.80 -26.36 6.69
CA LYS B 155 1.23 -27.70 6.59
C LYS B 155 -0.25 -27.67 6.22
N GLY B 156 -0.82 -26.49 6.00
CA GLY B 156 -2.24 -26.38 5.74
C GLY B 156 -3.12 -26.38 6.97
N PHE B 157 -2.55 -26.19 8.15
CA PHE B 157 -3.37 -26.13 9.35
C PHE B 157 -3.60 -24.68 9.72
N PRO B 158 -4.85 -24.22 9.79
CA PRO B 158 -5.10 -22.82 10.18
C PRO B 158 -5.00 -22.68 11.69
N VAL B 159 -4.96 -21.43 12.17
CA VAL B 159 -4.60 -21.19 13.56
C VAL B 159 -5.61 -20.25 14.19
N ILE B 160 -6.35 -20.75 15.18
CA ILE B 160 -7.30 -19.91 15.89
C ILE B 160 -6.53 -19.01 16.84
N CYS B 161 -6.82 -17.71 16.78
CA CYS B 161 -6.21 -16.75 17.70
C CYS B 161 -7.25 -16.28 18.70
N HIS B 162 -6.78 -15.91 19.88
CA HIS B 162 -7.59 -15.48 21.01
C HIS B 162 -6.97 -14.17 21.51
N TRP B 163 -7.79 -13.15 21.72
CA TRP B 163 -7.20 -11.89 22.19
C TRP B 163 -8.26 -11.01 22.83
N GLN B 164 -7.81 -10.01 23.60
CA GLN B 164 -8.69 -9.02 24.21
C GLN B 164 -8.69 -7.82 23.29
N VAL B 165 -9.84 -7.52 22.66
CA VAL B 165 -9.84 -6.51 21.61
C VAL B 165 -9.39 -5.15 22.14
N ASN B 166 -9.65 -4.87 23.43
CA ASN B 166 -9.23 -3.59 24.02
C ASN B 166 -7.72 -3.43 24.03
N GLN B 167 -6.99 -4.53 24.10
CA GLN B 167 -5.53 -4.49 24.05
C GLN B 167 -5.01 -4.29 22.64
N SER B 168 -5.86 -4.33 21.62
CA SER B 168 -5.39 -4.08 20.26
C SER B 168 -5.90 -2.75 19.72
N ARG B 169 -6.43 -1.88 20.58
CA ARG B 169 -7.09 -0.68 20.11
C ARG B 169 -6.12 0.29 19.45
N ASN B 170 -4.90 0.43 19.99
CA ASN B 170 -3.94 1.39 19.44
C ASN B 170 -3.13 0.80 18.28
N CYS B 171 -2.88 -0.51 18.27
CA CYS B 171 -2.09 -1.07 17.18
C CYS B 171 -2.97 -1.61 16.05
N LYS B 172 -4.29 -1.72 16.28
CA LYS B 172 -5.27 -2.08 15.27
C LYS B 172 -6.63 -1.56 15.77
N GLY B 173 -7.19 -0.58 15.13
CA GLY B 173 -8.35 0.01 15.77
C GLY B 173 -9.73 -0.57 15.48
N ASP B 174 -9.86 -1.88 15.24
CA ASP B 174 -11.17 -2.37 14.82
C ASP B 174 -12.25 -2.20 15.90
N TYR B 175 -11.88 -2.27 17.17
CA TYR B 175 -12.84 -2.35 18.26
C TYR B 175 -12.63 -1.24 19.29
N THR B 176 -13.73 -0.72 19.82
CA THR B 176 -13.73 0.21 20.92
C THR B 176 -14.19 -0.44 22.21
N GLY B 177 -14.79 -1.63 22.13
CA GLY B 177 -15.31 -2.31 23.29
C GLY B 177 -14.24 -3.03 24.05
N ASN B 178 -14.66 -3.73 25.11
CA ASN B 178 -13.78 -4.49 25.99
C ASN B 178 -14.35 -5.90 26.14
N PHE B 179 -13.74 -6.87 25.46
CA PHE B 179 -14.14 -8.26 25.56
C PHE B 179 -13.05 -9.15 24.98
N GLY B 180 -13.06 -10.43 25.40
CA GLY B 180 -12.23 -11.43 24.74
C GLY B 180 -12.84 -11.95 23.44
N HIS B 181 -11.98 -12.33 22.50
CA HIS B 181 -12.47 -12.61 21.17
C HIS B 181 -11.63 -13.72 20.53
N TYR B 182 -12.19 -14.33 19.46
CA TYR B 182 -11.48 -15.33 18.68
C TYR B 182 -11.59 -14.99 17.20
N GLY B 183 -10.56 -15.40 16.44
CA GLY B 183 -10.47 -15.27 15.00
C GLY B 183 -9.72 -16.48 14.42
N LEU B 184 -9.62 -16.52 13.11
CA LEU B 184 -8.89 -17.62 12.47
C LEU B 184 -7.72 -17.04 11.68
N ILE B 185 -6.52 -17.32 12.11
CA ILE B 185 -5.41 -16.92 11.28
C ILE B 185 -5.31 -17.89 10.11
N TRP B 186 -5.52 -17.41 8.88
CA TRP B 186 -5.42 -18.31 7.74
C TRP B 186 -4.32 -17.97 6.72
N ASP B 187 -3.60 -16.86 6.91
CA ASP B 187 -2.50 -16.46 6.03
C ASP B 187 -1.63 -15.45 6.77
N MET B 188 -0.47 -15.15 6.19
CA MET B 188 0.44 -14.14 6.74
C MET B 188 1.18 -13.45 5.61
N THR B 189 1.47 -12.18 5.83
CA THR B 189 2.51 -11.51 5.06
C THR B 189 3.81 -11.56 5.86
N SER B 190 4.82 -10.82 5.43
CA SER B 190 6.09 -10.76 6.16
C SER B 190 5.97 -9.98 7.47
N THR B 191 4.89 -9.23 7.68
CA THR B 191 4.74 -8.39 8.86
C THR B 191 3.42 -8.59 9.61
N HIS B 192 2.36 -9.11 8.97
CA HIS B 192 1.02 -9.14 9.55
C HIS B 192 0.43 -10.54 9.51
N TYR B 193 -0.32 -10.89 10.57
CA TYR B 193 -1.26 -12.02 10.47
C TYR B 193 -2.49 -11.60 9.66
N VAL B 194 -3.03 -12.52 8.86
CA VAL B 194 -4.29 -12.30 8.16
C VAL B 194 -5.37 -13.06 8.92
N VAL B 195 -6.29 -12.33 9.53
CA VAL B 195 -7.24 -12.91 10.47
C VAL B 195 -8.64 -12.83 9.86
N ALA B 196 -9.28 -13.98 9.73
CA ALA B 196 -10.72 -14.05 9.52
C ALA B 196 -11.39 -13.81 10.86
N ASP B 197 -11.99 -12.63 11.04
CA ASP B 197 -12.61 -12.26 12.30
C ASP B 197 -14.11 -12.40 12.18
N PRO B 198 -14.75 -13.29 12.96
CA PRO B 198 -16.20 -13.56 12.77
C PRO B 198 -17.13 -12.39 13.08
N ALA B 199 -16.63 -11.28 13.64
CA ALA B 199 -17.42 -10.08 13.90
C ALA B 199 -17.03 -8.91 13.01
N LYS B 200 -16.09 -9.09 12.07
CA LYS B 200 -15.58 -7.95 11.31
C LYS B 200 -15.37 -8.22 9.82
N GLY B 201 -14.72 -9.32 9.48
CA GLY B 201 -14.40 -9.59 8.09
C GLY B 201 -13.33 -10.66 7.98
N VAL B 202 -13.16 -11.14 6.75
CA VAL B 202 -12.30 -12.31 6.49
C VAL B 202 -10.83 -11.95 6.43
N ASN B 203 -10.51 -10.65 6.40
CA ASN B 203 -9.22 -10.15 5.94
C ASN B 203 -8.60 -9.14 6.91
N ARG B 204 -8.81 -9.27 8.22
CA ARG B 204 -8.31 -8.27 9.18
C ARG B 204 -6.81 -8.49 9.40
N LYS B 205 -5.99 -7.50 9.12
CA LYS B 205 -4.53 -7.66 9.12
C LYS B 205 -3.93 -7.13 10.42
N TYR B 206 -3.31 -8.01 11.19
CA TYR B 206 -2.75 -7.66 12.48
C TYR B 206 -1.24 -7.80 12.45
N LYS B 207 -0.54 -6.72 12.82
CA LYS B 207 0.90 -6.78 13.00
C LYS B 207 1.21 -7.83 14.05
N PHE B 208 2.22 -8.67 13.78
CA PHE B 208 2.52 -9.79 14.66
C PHE B 208 2.49 -9.38 16.14
N SER B 209 3.27 -8.37 16.51
CA SER B 209 3.35 -7.99 17.93
C SER B 209 2.00 -7.46 18.43
N CYS B 210 1.21 -6.86 17.55
CA CYS B 210 -0.09 -6.34 17.97
C CYS B 210 -1.00 -7.48 18.45
N LEU B 211 -1.13 -8.54 17.66
CA LEU B 211 -1.93 -9.68 18.09
C LEU B 211 -1.22 -10.50 19.17
N ASP B 212 0.09 -10.78 19.00
CA ASP B 212 0.79 -11.59 20.00
C ASP B 212 0.61 -11.02 21.40
N ASN B 213 0.70 -9.71 21.53
CA ASN B 213 0.72 -9.10 22.86
C ASN B 213 -0.66 -8.68 23.34
N ALA B 214 -1.71 -9.01 22.61
CA ALA B 214 -3.04 -8.48 22.98
C ALA B 214 -3.80 -9.43 23.89
N ASN B 215 -3.11 -10.27 24.63
CA ASN B 215 -3.82 -11.21 25.54
C ASN B 215 -3.18 -11.15 26.91
N LYS B 216 -2.65 -9.99 27.27
CA LYS B 216 -1.97 -9.82 28.57
C LYS B 216 -2.93 -10.23 29.67
N GLY B 217 -2.47 -11.12 30.53
CA GLY B 217 -3.30 -11.59 31.63
C GLY B 217 -4.09 -12.82 31.26
N TYR B 218 -4.03 -13.31 30.01
CA TYR B 218 -4.84 -14.48 29.73
C TYR B 218 -3.90 -15.48 29.09
N ARG B 219 -4.43 -16.64 28.71
CA ARG B 219 -3.56 -17.73 28.27
C ARG B 219 -2.70 -17.32 27.09
N GLN B 220 -1.41 -17.57 27.19
CA GLN B 220 -0.45 -17.15 26.16
C GLN B 220 -0.26 -18.23 25.09
N ASN B 221 -1.34 -18.51 24.36
CA ASN B 221 -1.26 -19.46 23.25
C ASN B 221 -2.10 -18.97 22.06
N TYR B 222 -1.72 -19.50 20.88
CA TYR B 222 -2.60 -19.68 19.72
C TYR B 222 -2.90 -21.18 19.60
N TYR B 223 -3.87 -21.52 18.76
CA TYR B 223 -4.44 -22.87 18.73
C TYR B 223 -4.54 -23.38 17.31
N VAL B 224 -3.60 -24.23 16.89
CA VAL B 224 -3.70 -24.75 15.53
C VAL B 224 -4.75 -25.84 15.46
N VAL B 225 -5.50 -25.85 14.36
CA VAL B 225 -6.56 -26.82 14.16
C VAL B 225 -6.03 -27.87 13.18
N CYS B 226 -6.05 -29.13 13.58
CA CYS B 226 -5.61 -30.10 12.59
C CYS B 226 -6.48 -31.35 12.63
N PRO B 227 -6.38 -32.22 11.61
CA PRO B 227 -7.17 -33.46 11.66
C PRO B 227 -6.72 -34.34 12.80
N ALA B 228 -7.69 -34.93 13.48
CA ALA B 228 -7.39 -35.80 14.59
C ALA B 228 -6.99 -37.17 14.04
N MET C 1 14.29 24.96 21.01
CA MET C 1 14.27 25.20 19.57
C MET C 1 12.91 25.74 19.09
N VAL C 2 12.87 26.20 17.85
CA VAL C 2 11.72 26.91 17.31
C VAL C 2 10.99 25.99 16.31
N ARG C 3 9.68 25.85 16.50
CA ARG C 3 8.83 25.02 15.67
C ARG C 3 7.73 25.85 15.05
N PHE C 4 7.32 25.48 13.84
CA PHE C 4 6.27 26.19 13.13
C PHE C 4 5.21 25.20 12.71
N SER C 5 3.94 25.52 12.98
CA SER C 5 2.86 24.57 12.73
C SER C 5 2.56 24.47 11.23
N ARG C 6 1.76 23.47 10.88
CA ARG C 6 1.32 23.32 9.50
C ARG C 6 0.58 24.55 9.00
N ASP C 7 -0.27 25.14 9.83
CA ASP C 7 -1.02 26.32 9.41
C ASP C 7 -0.09 27.46 9.03
N MET C 8 0.91 27.75 9.88
CA MET C 8 1.88 28.80 9.52
C MET C 8 2.69 28.41 8.31
N LEU C 9 3.07 27.14 8.20
CA LEU C 9 3.85 26.75 7.04
C LEU C 9 3.04 26.92 5.75
N GLN C 10 1.74 26.57 5.77
CA GLN C 10 0.94 26.74 4.56
C GLN C 10 0.81 28.20 4.18
N ASP C 11 0.53 29.07 5.16
CA ASP C 11 0.43 30.49 4.88
C ASP C 11 1.74 31.06 4.41
N GLY C 12 2.86 30.66 5.05
CA GLY C 12 4.16 31.15 4.64
C GLY C 12 4.51 30.77 3.22
N ALA C 13 4.19 29.52 2.81
CA ALA C 13 4.47 29.13 1.42
C ALA C 13 3.60 29.92 0.44
N LYS C 14 2.35 30.16 0.78
CA LYS C 14 1.49 30.93 -0.13
C LYS C 14 2.03 32.36 -0.30
N ARG C 15 2.54 32.94 0.79
CA ARG C 15 3.13 34.27 0.68
C ARG C 15 4.38 34.26 -0.17
N MET C 16 5.19 33.21 -0.04
CA MET C 16 6.39 33.10 -0.86
C MET C 16 6.02 32.95 -2.33
N PHE C 17 5.01 32.13 -2.60
CA PHE C 17 4.52 31.91 -3.95
C PHE C 17 3.96 33.20 -4.54
N LYS C 18 3.14 33.93 -3.77
CA LYS C 18 2.59 35.21 -4.26
C LYS C 18 3.70 36.22 -4.52
N TRP C 19 4.73 36.25 -3.66
CA TRP C 19 5.86 37.14 -3.86
C TRP C 19 6.60 36.84 -5.16
N LEU C 20 6.90 35.54 -5.38
CA LEU C 20 7.63 35.14 -6.58
C LEU C 20 6.86 35.51 -7.84
N ARG C 21 5.54 35.62 -7.74
CA ARG C 21 4.72 36.00 -8.87
C ARG C 21 5.09 37.36 -9.43
N LYS C 22 5.72 38.23 -8.64
CA LYS C 22 6.14 39.54 -9.11
C LYS C 22 7.32 39.47 -10.06
N GLY C 23 7.97 38.31 -10.20
CA GLY C 23 9.11 38.23 -11.10
C GLY C 23 10.36 38.93 -10.62
N GLU C 24 10.46 39.22 -9.32
CA GLU C 24 11.62 39.90 -8.75
C GLU C 24 12.45 39.01 -7.83
N GLY C 25 12.32 37.69 -7.93
CA GLY C 25 13.13 36.82 -7.12
C GLY C 25 12.55 36.61 -5.74
N LEU C 26 13.32 35.89 -4.91
CA LEU C 26 12.88 35.54 -3.57
C LEU C 26 12.96 36.76 -2.67
N PRO C 27 12.12 36.83 -1.63
CA PRO C 27 12.17 37.97 -0.69
C PRO C 27 13.39 37.87 0.22
N ASN C 28 13.74 39.01 0.82
CA ASN C 28 14.90 39.04 1.69
C ASN C 28 14.67 38.31 3.01
N TYR C 29 13.42 38.10 3.41
CA TYR C 29 13.14 37.36 4.64
C TYR C 29 11.68 36.90 4.61
N LEU C 30 11.33 36.04 5.56
CA LEU C 30 9.97 35.55 5.71
C LEU C 30 9.64 35.60 7.20
N ILE C 31 8.63 36.38 7.56
CA ILE C 31 8.20 36.50 8.94
C ILE C 31 7.23 35.37 9.24
N MET C 32 7.46 34.66 10.35
CA MET C 32 6.52 33.64 10.75
C MET C 32 6.44 33.59 12.27
N TYR C 33 5.32 33.11 12.78
CA TYR C 33 5.06 33.00 14.22
C TYR C 33 5.21 31.55 14.65
N ASP C 34 5.97 31.30 15.72
CA ASP C 34 6.18 29.94 16.20
C ASP C 34 4.93 29.41 16.91
N MET C 35 4.81 28.08 16.99
CA MET C 35 3.56 27.53 17.52
C MET C 35 3.55 27.47 19.04
N ASP C 36 4.70 27.61 19.69
CA ASP C 36 4.79 27.44 21.12
C ASP C 36 4.74 28.78 21.86
N ARG C 37 5.41 29.78 21.33
CA ARG C 37 5.38 31.10 21.91
C ARG C 37 4.52 32.13 21.19
N ASN C 38 4.07 31.90 19.96
CA ASN C 38 3.32 32.96 19.26
C ASN C 38 4.17 34.24 19.19
N LYS C 39 5.48 34.05 19.04
CA LYS C 39 6.47 35.09 18.84
C LYS C 39 6.84 35.20 17.36
N GLU C 40 7.12 36.42 16.92
CA GLU C 40 7.50 36.69 15.53
C GLU C 40 8.95 36.28 15.27
N TYR C 41 9.18 35.50 14.21
CA TYR C 41 10.54 35.16 13.77
C TYR C 41 10.75 35.67 12.35
N LYS C 42 11.90 36.30 12.12
CA LYS C 42 12.27 36.82 10.82
C LYS C 42 13.31 35.85 10.22
N LEU C 43 12.85 34.94 9.36
CA LEU C 43 13.75 33.94 8.79
C LEU C 43 14.50 34.51 7.60
N VAL C 44 15.83 34.44 7.61
CA VAL C 44 16.64 34.86 6.48
C VAL C 44 16.53 33.74 5.44
N PRO C 45 16.92 33.97 4.18
CA PRO C 45 16.68 32.95 3.12
C PRO C 45 17.27 31.58 3.41
N LYS C 46 18.49 31.47 3.95
CA LYS C 46 19.01 30.15 4.27
C LYS C 46 18.15 29.44 5.31
N GLU C 47 17.47 30.21 6.17
CA GLU C 47 16.62 29.63 7.20
C GLU C 47 15.27 29.20 6.65
N TYR C 48 14.60 30.05 5.86
CA TYR C 48 13.31 29.56 5.37
C TYR C 48 13.52 28.46 4.33
N ALA C 49 14.61 28.53 3.56
CA ALA C 49 14.90 27.43 2.64
C ALA C 49 15.16 26.12 3.42
N GLY C 50 15.90 26.21 4.52
CA GLY C 50 16.14 25.03 5.34
C GLY C 50 14.88 24.48 5.97
N LEU C 51 14.01 25.39 6.47
CA LEU C 51 12.74 24.96 7.08
C LEU C 51 11.86 24.25 6.05
N TYR C 52 11.70 24.84 4.87
CA TYR C 52 10.83 24.22 3.88
C TYR C 52 11.49 23.00 3.22
N GLU C 53 12.81 22.95 3.17
CA GLU C 53 13.45 21.71 2.76
C GLU C 53 13.07 20.59 3.71
N SER C 54 13.11 20.85 5.02
CA SER C 54 12.74 19.84 6.01
C SER C 54 11.28 19.45 5.87
N ARG C 55 10.40 20.43 5.71
CA ARG C 55 8.99 20.14 5.48
C ARG C 55 8.82 19.24 4.27
N ASN C 56 9.56 19.52 3.19
CA ASN C 56 9.40 18.78 1.94
C ASN C 56 9.94 17.37 2.02
N ILE C 57 10.98 17.13 2.83
CA ILE C 57 11.48 15.75 3.02
C ILE C 57 10.38 14.88 3.62
N PHE C 58 9.77 15.36 4.71
CA PHE C 58 8.68 14.62 5.34
C PHE C 58 7.53 14.41 4.37
N TRP C 59 7.14 15.48 3.66
CA TRP C 59 6.00 15.41 2.75
C TRP C 59 6.23 14.37 1.66
N ILE C 60 7.40 14.41 1.03
CA ILE C 60 7.68 13.50 -0.07
C ILE C 60 7.81 12.07 0.43
N LYS C 61 8.54 11.88 1.51
CA LYS C 61 8.78 10.53 1.97
C LYS C 61 7.51 9.90 2.58
N ASN C 62 6.63 10.69 3.23
CA ASN C 62 5.45 10.12 3.89
C ASN C 62 4.13 10.30 3.13
N GLY C 63 4.10 11.06 2.05
CA GLY C 63 2.85 11.25 1.33
C GLY C 63 1.87 12.18 2.00
N ARG C 64 2.32 12.83 3.07
CA ARG C 64 1.44 13.79 3.77
C ARG C 64 2.27 14.88 4.44
N GLU C 65 1.70 16.06 4.56
CA GLU C 65 2.33 17.23 5.17
C GLU C 65 2.63 16.96 6.64
N PRO C 66 3.77 17.43 7.17
CA PRO C 66 3.99 17.36 8.62
C PRO C 66 3.09 18.32 9.37
N ASN C 67 2.73 17.94 10.60
CA ASN C 67 1.92 18.81 11.46
C ASN C 67 2.72 20.01 11.95
N TYR C 68 4.04 19.88 12.03
CA TYR C 68 4.90 21.00 12.34
C TYR C 68 6.31 20.64 11.88
N VAL C 69 7.15 21.66 11.76
CA VAL C 69 8.55 21.48 11.40
C VAL C 69 9.39 22.32 12.36
N THR C 70 10.38 21.69 12.99
CA THR C 70 11.31 22.40 13.85
C THR C 70 12.41 22.97 12.98
N LEU C 71 12.80 24.23 13.23
CA LEU C 71 13.91 24.83 12.50
C LEU C 71 15.23 24.23 12.98
N THR C 72 15.86 23.36 12.17
CA THR C 72 17.09 22.67 12.57
C THR C 72 18.26 22.87 11.62
N SER C 73 18.03 23.46 10.45
CA SER C 73 18.99 23.39 9.37
C SER C 73 18.90 24.67 8.56
N VAL C 74 19.86 24.83 7.64
CA VAL C 74 19.84 25.86 6.61
C VAL C 74 20.02 25.17 5.26
N ALA C 75 19.62 25.85 4.18
CA ALA C 75 19.78 25.29 2.84
C ALA C 75 19.78 26.43 1.84
N ARG C 76 20.26 26.13 0.63
CA ARG C 76 20.30 27.09 -0.47
C ARG C 76 18.96 27.24 -1.17
N ASN C 77 18.10 26.23 -1.06
CA ASN C 77 16.76 26.25 -1.64
C ASN C 77 15.99 25.13 -0.97
N PRO C 78 14.67 25.06 -1.15
CA PRO C 78 13.91 24.02 -0.46
C PRO C 78 13.83 22.70 -1.21
N LEU C 79 14.55 22.56 -2.31
CA LEU C 79 14.38 21.41 -3.20
C LEU C 79 14.84 20.11 -2.54
N VAL C 80 14.02 19.07 -2.67
CA VAL C 80 14.30 17.72 -2.16
C VAL C 80 14.18 16.76 -3.35
N MET C 81 15.21 15.95 -3.61
CA MET C 81 15.12 15.01 -4.73
C MET C 81 13.90 14.14 -4.64
N ASP C 82 13.23 13.99 -5.77
CA ASP C 82 12.02 13.20 -5.86
C ASP C 82 12.08 12.46 -7.19
N TYR C 83 12.08 11.15 -7.13
CA TYR C 83 12.24 10.34 -8.33
C TYR C 83 10.86 10.01 -8.89
N GLN C 84 10.82 9.75 -10.19
CA GLN C 84 9.56 9.37 -10.86
C GLN C 84 9.21 7.97 -10.36
N ASN C 85 7.92 7.77 -10.10
CA ASN C 85 7.44 6.48 -9.52
C ASN C 85 7.07 5.48 -10.62
N THR C 86 7.12 5.87 -11.89
CA THR C 86 6.80 5.03 -13.06
C THR C 86 7.81 5.36 -14.17
N ASN C 87 7.81 4.58 -15.24
CA ASN C 87 8.76 4.88 -16.33
C ASN C 87 8.12 5.91 -17.26
N TYR C 88 6.94 6.44 -16.92
CA TYR C 88 6.32 7.38 -17.84
C TYR C 88 5.91 8.70 -17.17
N THR C 89 6.42 8.98 -15.96
CA THR C 89 5.98 10.18 -15.23
C THR C 89 7.10 11.20 -15.01
N ALA C 90 8.09 11.22 -15.91
CA ALA C 90 9.17 12.20 -15.82
C ALA C 90 8.65 13.63 -15.82
N CYS C 91 7.63 13.90 -16.66
CA CYS C 91 7.12 15.27 -16.78
C CYS C 91 6.40 15.72 -15.52
N PRO C 92 5.40 15.00 -14.99
CA PRO C 92 4.80 15.44 -13.72
C PRO C 92 5.76 15.45 -12.55
N THR C 93 6.77 14.59 -12.56
CA THR C 93 7.77 14.66 -11.50
C THR C 93 8.59 15.94 -11.63
N SER C 94 8.94 16.33 -12.85
CA SER C 94 9.70 17.57 -13.05
C SER C 94 8.86 18.78 -12.63
N LEU C 95 7.56 18.74 -12.89
CA LEU C 95 6.67 19.81 -12.48
C LEU C 95 6.54 19.85 -10.97
N SER C 96 6.48 18.68 -10.32
CA SER C 96 6.41 18.61 -8.86
C SER C 96 7.71 19.12 -8.22
N LEU C 97 8.86 18.80 -8.81
CA LEU C 97 10.10 19.40 -8.34
C LEU C 97 10.07 20.92 -8.47
N ALA C 98 9.59 21.43 -9.62
CA ALA C 98 9.42 22.87 -9.78
C ALA C 98 8.52 23.46 -8.70
N SER C 99 7.44 22.74 -8.35
CA SER C 99 6.49 23.25 -7.37
C SER C 99 7.13 23.42 -5.99
N GLN C 100 8.15 22.61 -5.68
CA GLN C 100 8.88 22.82 -4.44
C GLN C 100 9.61 24.16 -4.45
N MET C 101 10.33 24.43 -5.53
CA MET C 101 11.12 25.64 -5.68
C MET C 101 10.25 26.89 -5.66
N LEU C 102 9.00 26.79 -6.09
CA LEU C 102 8.04 27.89 -6.10
C LEU C 102 7.22 27.98 -4.83
N TYR C 103 7.49 27.10 -3.84
CA TYR C 103 6.76 27.11 -2.57
C TYR C 103 5.26 26.90 -2.79
N HIS C 104 4.91 25.98 -3.69
CA HIS C 104 3.53 25.64 -3.95
C HIS C 104 3.45 24.15 -4.27
N TYR C 105 3.83 23.33 -3.28
CA TYR C 105 4.07 21.92 -3.52
C TYR C 105 2.83 21.19 -3.99
N LYS C 106 2.97 20.48 -5.10
CA LYS C 106 1.99 19.55 -5.63
C LYS C 106 2.73 18.25 -5.91
N SER C 107 2.18 17.15 -5.41
CA SER C 107 2.86 15.86 -5.51
C SER C 107 2.90 15.39 -6.96
N GLU C 108 3.82 14.45 -7.23
CA GLU C 108 3.93 13.88 -8.56
C GLU C 108 2.59 13.35 -9.03
N SER C 109 1.86 12.67 -8.14
CA SER C 109 0.55 12.10 -8.48
C SER C 109 -0.43 13.19 -8.85
N GLU C 110 -0.49 14.25 -8.03
CA GLU C 110 -1.34 15.38 -8.31
C GLU C 110 -1.02 15.97 -9.68
N CYS C 111 0.27 16.11 -10.00
CA CYS C 111 0.67 16.71 -11.25
C CYS C 111 0.31 15.81 -12.43
N ALA C 112 0.52 14.50 -12.29
CA ALA C 112 0.20 13.56 -13.36
C ALA C 112 -1.30 13.57 -13.68
N LYS C 113 -2.15 13.59 -12.65
CA LYS C 113 -3.58 13.65 -12.90
C LYS C 113 -3.94 14.95 -13.60
N ALA C 114 -3.34 16.06 -13.19
CA ALA C 114 -3.68 17.34 -13.79
C ALA C 114 -3.24 17.41 -15.24
N LEU C 115 -2.03 16.91 -15.55
CA LEU C 115 -1.51 16.99 -16.90
C LEU C 115 -2.14 15.96 -17.84
N GLY C 116 -2.77 14.91 -17.33
CA GLY C 116 -3.24 13.84 -18.19
C GLY C 116 -2.15 12.88 -18.60
N THR C 117 -1.13 12.75 -17.78
CA THR C 117 -0.01 11.81 -18.08
C THR C 117 -0.56 10.39 -18.22
N SER C 118 -0.04 9.65 -19.18
CA SER C 118 -0.57 8.29 -19.41
C SER C 118 0.55 7.27 -19.63
N LYS C 119 0.23 6.03 -19.29
CA LYS C 119 1.14 4.89 -19.45
C LYS C 119 1.55 4.81 -20.90
N GLY C 120 0.59 4.95 -21.80
CA GLY C 120 0.86 4.85 -23.24
C GLY C 120 1.82 5.90 -23.78
N SER C 121 1.51 7.18 -23.58
CA SER C 121 2.30 8.20 -24.30
C SER C 121 3.06 9.16 -23.39
N GLY C 122 3.09 8.96 -22.07
CA GLY C 122 3.81 9.95 -21.28
C GLY C 122 3.09 11.29 -21.21
N THR C 123 3.84 12.37 -21.40
CA THR C 123 3.32 13.74 -21.38
C THR C 123 3.98 14.53 -22.50
N SER C 124 3.19 15.24 -23.28
CA SER C 124 3.72 16.12 -24.29
C SER C 124 3.93 17.51 -23.72
N PRO C 125 4.80 18.31 -24.33
CA PRO C 125 4.91 19.71 -23.91
C PRO C 125 3.58 20.44 -23.99
N ALA C 126 2.75 20.15 -25.00
CA ALA C 126 1.44 20.81 -25.10
C ALA C 126 0.55 20.51 -23.89
N GLN C 127 0.51 19.26 -23.43
CA GLN C 127 -0.21 18.93 -22.21
C GLN C 127 0.34 19.70 -21.01
N LEU C 128 1.67 19.76 -20.88
CA LEU C 128 2.27 20.52 -19.79
C LEU C 128 1.81 21.98 -19.80
N ILE C 129 1.89 22.65 -20.95
CA ILE C 129 1.57 24.08 -21.01
C ILE C 129 0.09 24.31 -20.74
N ALA C 130 -0.77 23.48 -21.34
CA ALA C 130 -2.20 23.71 -21.29
C ALA C 130 -2.77 23.42 -19.92
N ASN C 131 -2.16 22.49 -19.18
CA ASN C 131 -2.79 22.01 -17.96
C ASN C 131 -2.12 22.45 -16.67
N ALA C 132 -0.88 22.93 -16.71
CA ALA C 132 -0.22 23.39 -15.47
C ALA C 132 -1.04 24.43 -14.71
N PRO C 133 -1.78 25.34 -15.39
CA PRO C 133 -2.63 26.27 -14.64
C PRO C 133 -3.59 25.59 -13.68
N LYS C 134 -4.02 24.34 -13.92
CA LYS C 134 -4.89 23.68 -12.94
C LYS C 134 -4.22 23.55 -11.58
N LEU C 135 -2.91 23.60 -11.53
CA LEU C 135 -2.18 23.46 -10.27
C LEU C 135 -1.66 24.79 -9.75
N GLY C 136 -1.94 25.89 -10.46
CA GLY C 136 -1.46 27.20 -10.09
C GLY C 136 -0.20 27.68 -10.79
N PHE C 137 0.21 27.05 -11.89
CA PHE C 137 1.43 27.45 -12.56
C PHE C 137 1.16 27.94 -13.98
N LYS C 138 2.03 28.82 -14.45
CA LYS C 138 2.05 29.24 -15.85
C LYS C 138 3.36 28.75 -16.44
N ILE C 139 3.27 28.19 -17.63
CA ILE C 139 4.47 27.67 -18.32
C ILE C 139 4.84 28.62 -19.45
N ILE C 140 6.07 29.09 -19.46
CA ILE C 140 6.55 30.00 -20.53
C ILE C 140 7.51 29.25 -21.44
N PRO C 141 7.10 28.84 -22.65
CA PRO C 141 7.99 28.18 -23.57
C PRO C 141 9.09 29.19 -23.91
N ILE C 142 10.34 28.80 -23.74
CA ILE C 142 11.47 29.72 -24.06
C ILE C 142 12.42 29.04 -25.03
N LYS C 143 13.37 29.82 -25.51
CA LYS C 143 14.47 29.31 -26.32
C LYS C 143 15.37 28.46 -25.42
N ARG C 144 15.93 27.46 -26.04
CA ARG C 144 16.85 26.40 -25.62
C ARG C 144 18.18 27.08 -25.77
N ASP C 145 18.33 28.07 -24.89
CA ASP C 145 19.46 28.96 -24.90
C ASP C 145 19.81 29.26 -23.45
N SER C 146 21.09 29.13 -23.10
CA SER C 146 21.48 29.28 -21.70
C SER C 146 21.19 30.67 -21.17
N LYS C 147 21.23 31.70 -22.03
CA LYS C 147 20.96 33.05 -21.54
C LYS C 147 19.51 33.20 -21.13
N GLU C 148 18.59 32.62 -21.92
CA GLU C 148 17.18 32.62 -21.54
C GLU C 148 16.94 31.81 -20.28
N VAL C 149 17.58 30.65 -20.14
CA VAL C 149 17.42 29.88 -18.92
C VAL C 149 17.88 30.70 -17.72
N LYS C 150 19.09 31.26 -17.79
CA LYS C 150 19.61 32.15 -16.74
C LYS C 150 18.65 33.30 -16.40
N LYS C 151 18.05 33.91 -17.42
CA LYS C 151 17.16 35.05 -17.18
C LYS C 151 16.02 34.68 -16.23
N TYR C 152 15.42 33.50 -16.43
CA TYR C 152 14.31 33.08 -15.58
C TYR C 152 14.77 32.45 -14.27
N LEU C 153 15.90 31.73 -14.26
CA LEU C 153 16.45 31.25 -13.01
C LEU C 153 16.74 32.42 -12.07
N LYS C 154 17.18 33.55 -12.63
CA LYS C 154 17.47 34.72 -11.80
C LYS C 154 16.21 35.28 -11.17
N LYS C 155 15.05 34.99 -11.73
CA LYS C 155 13.78 35.38 -11.13
C LYS C 155 13.27 34.36 -10.11
N GLY C 156 14.02 33.29 -9.86
CA GLY C 156 13.57 32.22 -9.00
C GLY C 156 12.66 31.20 -9.69
N PHE C 157 12.54 31.23 -11.01
CA PHE C 157 11.67 30.29 -11.71
C PHE C 157 12.50 29.16 -12.26
N PRO C 158 12.27 27.90 -11.89
CA PRO C 158 13.03 26.79 -12.48
C PRO C 158 12.48 26.46 -13.88
N VAL C 159 13.23 25.65 -14.62
CA VAL C 159 12.95 25.48 -16.04
C VAL C 159 12.91 23.98 -16.36
N ILE C 160 11.75 23.50 -16.78
CA ILE C 160 11.63 22.12 -17.21
C ILE C 160 12.32 21.95 -18.55
N CYS C 161 13.21 20.96 -18.66
CA CYS C 161 13.87 20.65 -19.92
C CYS C 161 13.31 19.36 -20.51
N HIS C 162 13.34 19.27 -21.84
CA HIS C 162 12.81 18.14 -22.60
C HIS C 162 13.87 17.74 -23.62
N TRP C 163 14.18 16.44 -23.70
CA TRP C 163 15.21 16.01 -24.63
C TRP C 163 15.13 14.51 -24.86
N GLN C 164 15.81 14.08 -25.91
CA GLN C 164 15.89 12.66 -26.27
C GLN C 164 17.21 12.14 -25.72
N VAL C 165 17.12 11.20 -24.78
CA VAL C 165 18.33 10.80 -24.06
C VAL C 165 19.37 10.21 -25.01
N ASN C 166 18.93 9.56 -26.09
CA ASN C 166 19.85 9.01 -27.07
C ASN C 166 20.66 10.10 -27.76
N GLN C 167 20.11 11.31 -27.86
CA GLN C 167 20.81 12.43 -28.46
C GLN C 167 21.83 13.08 -27.52
N SER C 168 21.86 12.68 -26.24
CA SER C 168 22.86 13.15 -25.29
C SER C 168 23.81 12.05 -24.86
N ARG C 169 23.80 10.92 -25.57
CA ARG C 169 24.61 9.75 -25.14
C ARG C 169 26.10 10.10 -25.12
N ASN C 170 26.52 10.77 -26.14
CA ASN C 170 27.97 11.10 -26.29
C ASN C 170 28.46 12.36 -25.58
N CYS C 171 27.62 13.37 -25.39
CA CYS C 171 28.04 14.60 -24.71
C CYS C 171 27.74 14.56 -23.22
N LYS C 172 27.05 13.54 -22.76
CA LYS C 172 26.77 13.36 -21.34
C LYS C 172 26.88 11.88 -20.98
N GLY C 173 26.11 11.02 -21.65
CA GLY C 173 26.23 9.59 -21.45
C GLY C 173 25.56 8.97 -20.26
N ASP C 174 24.53 9.62 -19.70
CA ASP C 174 23.81 8.98 -18.60
C ASP C 174 22.98 7.79 -19.10
N TYR C 175 22.53 7.82 -20.35
CA TYR C 175 21.56 6.86 -20.84
C TYR C 175 22.09 6.10 -22.05
N THR C 176 21.75 4.83 -22.12
CA THR C 176 22.05 4.03 -23.29
C THR C 176 20.82 3.77 -24.16
N GLY C 177 19.62 4.05 -23.64
CA GLY C 177 18.38 3.81 -24.35
C GLY C 177 17.97 4.96 -25.26
N ASN C 178 16.80 4.79 -25.87
CA ASN C 178 16.23 5.76 -26.81
C ASN C 178 14.80 6.05 -26.36
N PHE C 179 14.61 7.22 -25.75
CA PHE C 179 13.29 7.69 -25.31
C PHE C 179 13.39 9.18 -25.01
N GLY C 180 12.24 9.86 -25.10
CA GLY C 180 12.18 11.25 -24.67
C GLY C 180 12.02 11.35 -23.17
N HIS C 181 12.56 12.43 -22.61
CA HIS C 181 12.66 12.51 -21.17
C HIS C 181 12.54 13.97 -20.73
N TYR C 182 12.24 14.17 -19.45
CA TYR C 182 12.15 15.50 -18.88
C TYR C 182 12.94 15.56 -17.57
N GLY C 183 13.44 16.75 -17.26
CA GLY C 183 14.07 17.06 -15.99
C GLY C 183 13.79 18.51 -15.64
N LEU C 184 14.38 18.97 -14.53
CA LEU C 184 14.20 20.34 -14.06
C LEU C 184 15.56 21.02 -13.97
N ILE C 185 15.80 22.00 -14.82
CA ILE C 185 16.98 22.84 -14.66
C ILE C 185 16.69 23.78 -13.49
N TRP C 186 17.43 23.61 -12.41
CA TRP C 186 17.25 24.45 -11.25
C TRP C 186 18.45 25.31 -10.93
N ASP C 187 19.55 25.16 -11.68
CA ASP C 187 20.76 25.93 -11.41
C ASP C 187 21.65 25.84 -12.65
N MET C 188 22.72 26.64 -12.65
CA MET C 188 23.64 26.67 -13.77
C MET C 188 25.03 26.99 -13.26
N THR C 189 26.06 26.39 -13.88
CA THR C 189 27.43 26.85 -13.75
C THR C 189 27.74 27.78 -14.91
N SER C 190 29.02 28.08 -15.12
CA SER C 190 29.39 28.87 -16.29
C SER C 190 29.27 28.07 -17.58
N THR C 191 29.21 26.74 -17.48
CA THR C 191 29.22 25.89 -18.66
C THR C 191 28.11 24.87 -18.71
N HIS C 192 27.52 24.48 -17.57
CA HIS C 192 26.58 23.38 -17.51
C HIS C 192 25.27 23.80 -16.88
N TYR C 193 24.17 23.28 -17.42
CA TYR C 193 22.91 23.31 -16.69
C TYR C 193 22.98 22.27 -15.59
N VAL C 194 22.37 22.56 -14.44
CA VAL C 194 22.25 21.57 -13.37
C VAL C 194 20.82 21.03 -13.41
N VAL C 195 20.69 19.75 -13.73
CA VAL C 195 19.39 19.16 -14.02
C VAL C 195 19.06 18.18 -12.90
N ALA C 196 17.92 18.39 -12.25
CA ALA C 196 17.29 17.36 -11.44
C ALA C 196 16.55 16.42 -12.37
N ASP C 197 17.10 15.21 -12.54
CA ASP C 197 16.56 14.22 -13.48
C ASP C 197 15.81 13.18 -12.70
N PRO C 198 14.49 13.03 -12.91
CA PRO C 198 13.69 12.15 -12.04
C PRO C 198 14.07 10.67 -12.15
N ALA C 199 14.92 10.29 -13.11
CA ALA C 199 15.36 8.91 -13.22
C ALA C 199 16.81 8.69 -12.84
N LYS C 200 17.51 9.73 -12.38
CA LYS C 200 18.94 9.59 -12.15
C LYS C 200 19.44 10.29 -10.88
N GLY C 201 19.09 11.54 -10.68
CA GLY C 201 19.64 12.27 -9.54
C GLY C 201 19.37 13.74 -9.67
N VAL C 202 19.62 14.46 -8.56
CA VAL C 202 19.23 15.86 -8.46
C VAL C 202 20.24 16.78 -9.12
N ASN C 203 21.40 16.27 -9.50
CA ASN C 203 22.57 17.08 -9.80
C ASN C 203 23.21 16.69 -11.13
N ARG C 204 22.42 16.38 -12.14
CA ARG C 204 23.00 15.98 -13.42
C ARG C 204 23.43 17.22 -14.19
N LYS C 205 24.72 17.30 -14.52
CA LYS C 205 25.34 18.48 -15.16
C LYS C 205 25.45 18.27 -16.66
N TYR C 206 24.75 19.11 -17.41
CA TYR C 206 24.75 18.97 -18.87
C TYR C 206 25.39 20.22 -19.48
N LYS C 207 26.34 20.03 -20.38
CA LYS C 207 26.91 21.17 -21.11
C LYS C 207 25.76 21.84 -21.88
N PHE C 208 25.71 23.17 -21.86
CA PHE C 208 24.62 23.92 -22.53
C PHE C 208 24.37 23.40 -23.93
N SER C 209 25.43 23.12 -24.69
CA SER C 209 25.09 22.71 -26.07
C SER C 209 24.56 21.29 -26.12
N CYS C 210 25.01 20.45 -25.17
CA CYS C 210 24.58 19.06 -25.12
C CYS C 210 23.07 18.95 -24.94
N LEU C 211 22.54 19.63 -23.93
CA LEU C 211 21.10 19.65 -23.69
C LEU C 211 20.36 20.41 -24.79
N ASP C 212 20.86 21.59 -25.18
CA ASP C 212 20.16 22.41 -26.18
C ASP C 212 19.90 21.62 -27.46
N ASN C 213 20.89 20.88 -27.94
CA ASN C 213 20.80 20.23 -29.24
C ASN C 213 20.28 18.80 -29.17
N ALA C 214 19.89 18.30 -28.00
CA ALA C 214 19.48 16.91 -27.88
C ALA C 214 18.00 16.74 -28.08
N ASN C 215 17.35 17.66 -28.83
CA ASN C 215 15.93 17.51 -29.13
C ASN C 215 15.65 17.71 -30.63
N LYS C 216 16.54 17.24 -31.51
CA LYS C 216 16.25 17.31 -32.94
C LYS C 216 15.01 16.51 -33.25
N GLY C 217 14.15 17.07 -34.09
CA GLY C 217 12.92 16.42 -34.48
C GLY C 217 11.76 16.74 -33.57
N TYR C 218 12.01 17.43 -32.45
CA TYR C 218 10.97 17.69 -31.48
C TYR C 218 10.94 19.19 -31.15
N ARG C 219 9.99 19.58 -30.32
CA ARG C 219 9.77 21.00 -30.07
C ARG C 219 11.02 21.66 -29.50
N GLN C 220 11.41 22.79 -30.10
CA GLN C 220 12.66 23.47 -29.74
C GLN C 220 12.41 24.51 -28.64
N ASN C 221 12.00 24.01 -27.48
CA ASN C 221 11.73 24.89 -26.35
C ASN C 221 12.22 24.23 -25.06
N TYR C 222 12.45 25.08 -24.05
CA TYR C 222 12.41 24.73 -22.64
C TYR C 222 11.15 25.34 -22.03
N TYR C 223 10.83 24.97 -20.78
CA TYR C 223 9.53 25.37 -20.21
C TYR C 223 9.71 25.94 -18.80
N VAL C 224 9.68 27.26 -18.70
CA VAL C 224 9.85 27.86 -17.36
C VAL C 224 8.54 27.73 -16.58
N VAL C 225 8.67 27.39 -15.31
CA VAL C 225 7.52 27.25 -14.43
C VAL C 225 7.46 28.48 -13.53
N CYS C 226 6.33 29.17 -13.55
CA CYS C 226 6.23 30.27 -12.60
C CYS C 226 4.82 30.34 -12.02
N PRO C 227 4.60 31.12 -10.96
CA PRO C 227 3.24 31.25 -10.45
C PRO C 227 2.34 31.94 -11.47
N ALA C 228 1.13 31.40 -11.58
CA ALA C 228 0.11 31.92 -12.48
C ALA C 228 -0.64 33.06 -11.81
N MET D 1 -21.58 -0.10 28.51
CA MET D 1 -21.25 0.50 27.20
C MET D 1 -22.50 1.14 26.59
N VAL D 2 -22.50 1.40 25.27
CA VAL D 2 -23.67 2.13 24.70
C VAL D 2 -24.46 1.25 23.73
N ARG D 3 -25.76 1.12 23.95
CA ARG D 3 -26.62 0.27 23.09
C ARG D 3 -27.76 1.10 22.50
N PHE D 4 -28.19 0.71 21.32
CA PHE D 4 -29.26 1.39 20.59
C PHE D 4 -30.31 0.38 20.20
N SER D 5 -31.57 0.72 20.45
CA SER D 5 -32.65 -0.21 20.16
C SER D 5 -32.92 -0.27 18.66
N ARG D 6 -33.71 -1.28 18.26
CA ARG D 6 -34.09 -1.43 16.86
C ARG D 6 -34.82 -0.20 16.33
N ASP D 7 -35.71 0.37 17.13
CA ASP D 7 -36.46 1.56 16.70
C ASP D 7 -35.53 2.72 16.38
N MET D 8 -34.57 3.00 17.27
CA MET D 8 -33.59 4.04 16.97
C MET D 8 -32.75 3.66 15.76
N LEU D 9 -32.41 2.39 15.63
CA LEU D 9 -31.61 1.98 14.47
C LEU D 9 -32.40 2.17 13.19
N GLN D 10 -33.68 1.83 13.23
CA GLN D 10 -34.52 1.97 12.03
C GLN D 10 -34.67 3.43 11.64
N ASP D 11 -34.94 4.29 12.62
CA ASP D 11 -35.07 5.72 12.34
C ASP D 11 -33.74 6.28 11.87
N GLY D 12 -32.65 5.92 12.54
CA GLY D 12 -31.35 6.41 12.13
C GLY D 12 -31.00 6.00 10.72
N ALA D 13 -31.34 4.77 10.33
CA ALA D 13 -31.07 4.33 8.96
C ALA D 13 -31.91 5.12 7.96
N LYS D 14 -33.16 5.41 8.27
CA LYS D 14 -33.98 6.17 7.32
C LYS D 14 -33.44 7.58 7.18
N ARG D 15 -32.92 8.16 8.26
CA ARG D 15 -32.35 9.50 8.19
C ARG D 15 -31.10 9.53 7.33
N MET D 16 -30.25 8.49 7.42
CA MET D 16 -29.07 8.38 6.53
C MET D 16 -29.48 8.21 5.08
N PHE D 17 -30.48 7.37 4.85
CA PHE D 17 -30.99 7.13 3.50
C PHE D 17 -31.55 8.40 2.90
N LYS D 18 -32.38 9.13 3.65
CA LYS D 18 -32.93 10.40 3.15
C LYS D 18 -31.82 11.42 2.92
N TRP D 19 -30.81 11.44 3.79
CA TRP D 19 -29.68 12.34 3.61
C TRP D 19 -28.91 12.02 2.33
N LEU D 20 -28.58 10.73 2.14
CA LEU D 20 -27.86 10.32 0.93
C LEU D 20 -28.66 10.66 -0.32
N ARG D 21 -29.99 10.73 -0.20
CA ARG D 21 -30.81 11.02 -1.36
C ARG D 21 -30.49 12.38 -1.99
N LYS D 22 -29.87 13.28 -1.22
CA LYS D 22 -29.48 14.58 -1.73
C LYS D 22 -28.31 14.52 -2.68
N GLY D 23 -27.60 13.39 -2.75
CA GLY D 23 -26.45 13.29 -3.63
C GLY D 23 -25.23 14.03 -3.17
N GLU D 24 -25.14 14.41 -1.89
CA GLU D 24 -23.99 15.14 -1.38
C GLU D 24 -23.14 14.30 -0.42
N GLY D 25 -23.24 12.97 -0.47
CA GLY D 25 -22.42 12.15 0.40
C GLY D 25 -23.01 11.96 1.78
N LEU D 26 -22.20 11.32 2.65
CA LEU D 26 -22.59 10.96 4.01
C LEU D 26 -22.58 12.20 4.90
N PRO D 27 -23.43 12.22 5.93
CA PRO D 27 -23.41 13.34 6.88
C PRO D 27 -22.20 13.28 7.80
N ASN D 28 -21.89 14.42 8.43
CA ASN D 28 -20.73 14.46 9.31
C ASN D 28 -20.92 13.63 10.57
N TYR D 29 -22.15 13.36 10.98
CA TYR D 29 -22.39 12.57 12.17
C TYR D 29 -23.83 12.11 12.15
N LEU D 30 -24.17 11.23 13.10
CA LEU D 30 -25.54 10.74 13.25
C LEU D 30 -25.86 10.78 14.74
N ILE D 31 -26.87 11.58 15.10
CA ILE D 31 -27.31 11.71 16.49
C ILE D 31 -28.31 10.62 16.80
N MET D 32 -28.08 9.91 17.90
CA MET D 32 -29.04 8.90 18.30
C MET D 32 -29.06 8.82 19.83
N TYR D 33 -30.18 8.35 20.36
CA TYR D 33 -30.41 8.24 21.79
C TYR D 33 -30.29 6.80 22.20
N ASP D 34 -29.49 6.55 23.24
CA ASP D 34 -29.28 5.18 23.66
C ASP D 34 -30.52 4.65 24.38
N MET D 35 -30.67 3.33 24.42
CA MET D 35 -31.90 2.73 24.94
C MET D 35 -31.88 2.60 26.44
N ASP D 36 -30.72 2.79 27.07
CA ASP D 36 -30.58 2.60 28.54
C ASP D 36 -30.70 3.91 29.34
N ARG D 37 -30.08 4.99 28.88
CA ARG D 37 -30.11 6.26 29.64
C ARG D 37 -30.93 7.32 28.90
N ASN D 38 -31.30 7.05 27.66
CA ASN D 38 -31.98 8.05 26.81
C ASN D 38 -31.15 9.31 26.72
N LYS D 39 -29.85 9.13 26.60
CA LYS D 39 -28.90 10.24 26.48
C LYS D 39 -28.55 10.37 24.99
N GLU D 40 -28.33 11.60 24.53
CA GLU D 40 -27.97 11.88 23.18
C GLU D 40 -26.56 11.43 22.93
N TYR D 41 -26.37 10.64 21.87
CA TYR D 41 -25.02 10.26 21.44
C TYR D 41 -24.81 10.74 20.01
N LYS D 42 -23.65 11.35 19.78
CA LYS D 42 -23.22 11.79 18.46
C LYS D 42 -22.22 10.80 17.89
N LEU D 43 -22.66 9.99 16.93
CA LEU D 43 -21.79 9.02 16.26
C LEU D 43 -21.02 9.68 15.11
N VAL D 44 -19.70 9.60 15.15
CA VAL D 44 -18.88 10.07 14.01
C VAL D 44 -18.98 9.00 12.93
N PRO D 45 -18.59 9.28 11.67
CA PRO D 45 -18.87 8.31 10.59
C PRO D 45 -18.31 6.91 10.83
N LYS D 46 -17.06 6.78 11.29
CA LYS D 46 -16.54 5.43 11.56
C LYS D 46 -17.35 4.73 12.65
N GLU D 47 -18.01 5.49 13.53
CA GLU D 47 -18.83 4.89 14.58
C GLU D 47 -20.20 4.46 14.05
N TYR D 48 -20.87 5.30 13.27
CA TYR D 48 -22.14 4.81 12.79
C TYR D 48 -21.95 3.72 11.73
N ALA D 49 -20.87 3.76 10.95
CA ALA D 49 -20.62 2.67 10.03
C ALA D 49 -20.37 1.37 10.79
N GLY D 50 -19.60 1.45 11.88
CA GLY D 50 -19.35 0.28 12.70
C GLY D 50 -20.61 -0.26 13.34
N LEU D 51 -21.46 0.62 13.84
CA LEU D 51 -22.73 0.21 14.45
C LEU D 51 -23.62 -0.50 13.43
N TYR D 52 -23.78 0.09 12.25
CA TYR D 52 -24.67 -0.50 11.26
C TYR D 52 -24.02 -1.73 10.60
N GLU D 53 -22.69 -1.77 10.58
CA GLU D 53 -22.02 -3.01 10.18
C GLU D 53 -22.41 -4.17 11.08
N SER D 54 -22.37 -3.93 12.40
CA SER D 54 -22.71 -4.96 13.38
C SER D 54 -24.17 -5.34 13.30
N ARG D 55 -25.07 -4.34 13.17
CA ARG D 55 -26.47 -4.63 12.94
C ARG D 55 -26.65 -5.49 11.69
N ASN D 56 -25.91 -5.19 10.60
CA ASN D 56 -26.08 -5.95 9.36
C ASN D 56 -25.51 -7.36 9.45
N ILE D 57 -24.46 -7.57 10.25
CA ILE D 57 -23.94 -8.94 10.45
C ILE D 57 -25.02 -9.83 11.06
N PHE D 58 -25.64 -9.36 12.14
CA PHE D 58 -26.71 -10.13 12.76
C PHE D 58 -27.86 -10.36 11.79
N TRP D 59 -28.28 -9.29 11.10
CA TRP D 59 -29.41 -9.39 10.19
C TRP D 59 -29.13 -10.40 9.08
N ILE D 60 -27.96 -10.32 8.46
CA ILE D 60 -27.63 -11.22 7.36
C ILE D 60 -27.46 -12.66 7.86
N LYS D 61 -26.77 -12.83 8.98
CA LYS D 61 -26.52 -14.18 9.46
C LYS D 61 -27.81 -14.81 10.01
N ASN D 62 -28.65 -14.03 10.68
CA ASN D 62 -29.81 -14.67 11.31
C ASN D 62 -31.09 -14.46 10.54
N GLY D 63 -31.08 -13.63 9.51
CA GLY D 63 -32.28 -13.43 8.74
C GLY D 63 -33.36 -12.62 9.43
N ARG D 64 -33.07 -12.00 10.57
CA ARG D 64 -34.05 -11.14 11.25
C ARG D 64 -33.27 -10.03 11.91
N GLU D 65 -33.93 -8.88 12.06
CA GLU D 65 -33.28 -7.70 12.62
C GLU D 65 -32.89 -7.91 14.08
N PRO D 66 -31.75 -7.39 14.54
CA PRO D 66 -31.48 -7.44 15.98
C PRO D 66 -32.38 -6.51 16.75
N ASN D 67 -32.71 -6.90 17.98
CA ASN D 67 -33.53 -6.09 18.86
C ASN D 67 -32.76 -4.88 19.38
N TYR D 68 -31.44 -4.98 19.45
CA TYR D 68 -30.58 -3.86 19.80
C TYR D 68 -29.18 -4.21 19.34
N VAL D 69 -28.34 -3.17 19.25
CA VAL D 69 -26.94 -3.33 18.85
C VAL D 69 -26.10 -2.49 19.79
N THR D 70 -25.10 -3.12 20.41
CA THR D 70 -24.15 -2.42 21.26
C THR D 70 -23.05 -1.83 20.39
N LEU D 71 -22.69 -0.58 20.64
CA LEU D 71 -21.58 0.02 19.90
C LEU D 71 -20.26 -0.56 20.39
N THR D 72 -19.64 -1.42 19.58
CA THR D 72 -18.41 -2.10 19.98
C THR D 72 -17.24 -1.86 19.04
N SER D 73 -17.46 -1.28 17.86
CA SER D 73 -16.47 -1.35 16.81
C SER D 73 -16.55 -0.11 15.95
N VAL D 74 -15.55 0.06 15.08
CA VAL D 74 -15.60 1.09 14.05
C VAL D 74 -15.42 0.42 12.69
N ALA D 75 -15.82 1.13 11.65
CA ALA D 75 -15.69 0.59 10.29
C ALA D 75 -15.67 1.73 9.29
N ARG D 76 -15.20 1.41 8.08
CA ARG D 76 -15.16 2.38 7.00
C ARG D 76 -16.52 2.56 6.33
N ASN D 77 -17.36 1.53 6.38
CA ASN D 77 -18.69 1.54 5.80
C ASN D 77 -19.47 0.40 6.47
N PRO D 78 -20.78 0.35 6.29
CA PRO D 78 -21.57 -0.70 6.96
C PRO D 78 -21.65 -2.02 6.20
N LEU D 79 -20.89 -2.16 5.12
CA LEU D 79 -21.06 -3.29 4.22
C LEU D 79 -20.60 -4.59 4.87
N VAL D 80 -21.42 -5.63 4.71
CA VAL D 80 -21.13 -6.98 5.20
C VAL D 80 -21.20 -7.92 4.01
N MET D 81 -20.14 -8.69 3.76
CA MET D 81 -20.18 -9.61 2.63
C MET D 81 -21.41 -10.50 2.74
N ASP D 82 -22.13 -10.64 1.64
CA ASP D 82 -23.34 -11.45 1.59
C ASP D 82 -23.27 -12.21 0.27
N TYR D 83 -23.14 -13.53 0.35
CA TYR D 83 -22.99 -14.32 -0.87
C TYR D 83 -24.36 -14.62 -1.42
N GLN D 84 -24.44 -14.90 -2.72
CA GLN D 84 -25.72 -15.28 -3.30
C GLN D 84 -26.14 -16.65 -2.79
N ASN D 85 -27.44 -16.82 -2.55
CA ASN D 85 -27.92 -18.07 -2.02
C ASN D 85 -28.20 -19.10 -3.12
N THR D 86 -28.22 -18.69 -4.39
CA THR D 86 -28.41 -19.62 -5.50
C THR D 86 -27.45 -19.25 -6.62
N ASN D 87 -27.40 -20.10 -7.65
CA ASN D 87 -26.56 -19.80 -8.81
C ASN D 87 -27.21 -18.81 -9.78
N TYR D 88 -28.42 -18.30 -9.48
CA TYR D 88 -29.07 -17.38 -10.40
C TYR D 88 -29.50 -16.06 -9.74
N THR D 89 -29.02 -15.74 -8.52
CA THR D 89 -29.47 -14.53 -7.82
C THR D 89 -28.36 -13.50 -7.62
N ALA D 90 -27.36 -13.48 -8.52
CA ALA D 90 -26.29 -12.51 -8.40
C ALA D 90 -26.82 -11.08 -8.38
N CYS D 91 -27.82 -10.80 -9.23
CA CYS D 91 -28.33 -9.44 -9.34
C CYS D 91 -29.09 -9.00 -8.10
N PRO D 92 -30.11 -9.72 -7.61
CA PRO D 92 -30.72 -9.29 -6.35
C PRO D 92 -29.74 -9.28 -5.18
N THR D 93 -28.72 -10.15 -5.17
CA THR D 93 -27.72 -10.08 -4.11
C THR D 93 -26.89 -8.79 -4.21
N SER D 94 -26.54 -8.38 -5.43
CA SER D 94 -25.80 -7.12 -5.60
C SER D 94 -26.63 -5.92 -5.17
N LEU D 95 -27.93 -5.95 -5.44
CA LEU D 95 -28.82 -4.87 -5.02
C LEU D 95 -28.96 -4.85 -3.50
N SER D 96 -29.02 -6.03 -2.87
CA SER D 96 -29.05 -6.13 -1.42
C SER D 96 -27.77 -5.59 -0.79
N LEU D 97 -26.60 -5.90 -1.36
CA LEU D 97 -25.37 -5.28 -0.90
C LEU D 97 -25.42 -3.75 -1.05
N ALA D 98 -25.89 -3.26 -2.21
CA ALA D 98 -26.07 -1.81 -2.36
C ALA D 98 -26.98 -1.26 -1.28
N SER D 99 -28.03 -2.01 -0.92
CA SER D 99 -28.98 -1.55 0.07
C SER D 99 -28.31 -1.38 1.45
N GLN D 100 -27.29 -2.16 1.75
CA GLN D 100 -26.52 -1.92 2.98
C GLN D 100 -25.82 -0.56 2.93
N MET D 101 -25.13 -0.28 1.81
CA MET D 101 -24.39 0.97 1.66
C MET D 101 -25.29 2.19 1.75
N LEU D 102 -26.56 2.05 1.37
CA LEU D 102 -27.52 3.15 1.40
C LEU D 102 -28.34 3.23 2.69
N TYR D 103 -28.07 2.37 3.68
CA TYR D 103 -28.83 2.38 4.94
C TYR D 103 -30.31 2.15 4.69
N HIS D 104 -30.62 1.22 3.78
CA HIS D 104 -32.01 0.84 3.54
C HIS D 104 -32.04 -0.65 3.20
N TYR D 105 -31.61 -1.47 4.15
CA TYR D 105 -31.32 -2.88 3.87
C TYR D 105 -32.56 -3.62 3.42
N LYS D 106 -32.43 -4.30 2.29
CA LYS D 106 -33.43 -5.24 1.79
C LYS D 106 -32.69 -6.54 1.51
N SER D 107 -33.21 -7.65 2.02
CA SER D 107 -32.51 -8.92 1.89
C SER D 107 -32.49 -9.40 0.43
N GLU D 108 -31.55 -10.30 0.14
CA GLU D 108 -31.49 -10.88 -1.19
C GLU D 108 -32.85 -11.42 -1.60
N SER D 109 -33.53 -12.09 -0.66
CA SER D 109 -34.83 -12.67 -0.97
C SER D 109 -35.85 -11.60 -1.35
N GLU D 110 -35.92 -10.53 -0.56
CA GLU D 110 -36.81 -9.43 -0.90
C GLU D 110 -36.47 -8.84 -2.25
N CYS D 111 -35.18 -8.64 -2.52
CA CYS D 111 -34.81 -8.06 -3.79
C CYS D 111 -35.17 -8.98 -4.96
N ALA D 112 -34.94 -10.30 -4.80
CA ALA D 112 -35.26 -11.24 -5.89
C ALA D 112 -36.75 -11.22 -6.20
N LYS D 113 -37.57 -11.22 -5.16
CA LYS D 113 -39.02 -11.16 -5.37
C LYS D 113 -39.40 -9.86 -6.09
N ALA D 114 -38.84 -8.73 -5.67
CA ALA D 114 -39.23 -7.47 -6.27
C ALA D 114 -38.78 -7.38 -7.73
N LEU D 115 -37.56 -7.84 -8.03
CA LEU D 115 -37.05 -7.78 -9.39
C LEU D 115 -37.67 -8.82 -10.31
N GLY D 116 -38.26 -9.89 -9.76
CA GLY D 116 -38.73 -10.97 -10.59
C GLY D 116 -37.64 -11.92 -11.06
N THR D 117 -36.53 -12.00 -10.32
CA THR D 117 -35.45 -12.92 -10.63
C THR D 117 -36.00 -14.33 -10.75
N SER D 118 -35.53 -15.07 -11.75
CA SER D 118 -36.05 -16.40 -11.98
C SER D 118 -34.93 -17.42 -12.20
N LYS D 119 -35.27 -18.68 -11.95
CA LYS D 119 -34.28 -19.75 -12.05
C LYS D 119 -33.85 -19.93 -13.50
N GLY D 120 -34.78 -19.77 -14.43
CA GLY D 120 -34.44 -20.01 -15.82
C GLY D 120 -33.54 -18.95 -16.42
N SER D 121 -33.83 -17.67 -16.16
CA SER D 121 -33.13 -16.61 -16.87
C SER D 121 -32.31 -15.68 -15.96
N GLY D 122 -32.33 -15.86 -14.65
CA GLY D 122 -31.63 -14.90 -13.80
C GLY D 122 -32.38 -13.58 -13.77
N THR D 123 -31.64 -12.48 -13.96
CA THR D 123 -32.21 -11.12 -13.92
C THR D 123 -31.58 -10.28 -15.04
N SER D 124 -32.42 -9.59 -15.82
CA SER D 124 -31.89 -8.70 -16.84
C SER D 124 -31.68 -7.30 -16.27
N PRO D 125 -30.81 -6.50 -16.88
CA PRO D 125 -30.71 -5.10 -16.45
C PRO D 125 -32.04 -4.36 -16.51
N ALA D 126 -32.87 -4.64 -17.52
CA ALA D 126 -34.18 -3.97 -17.60
C ALA D 126 -35.05 -4.28 -16.37
N GLN D 127 -35.06 -5.54 -15.91
CA GLN D 127 -35.77 -5.87 -14.68
C GLN D 127 -35.22 -5.08 -13.49
N LEU D 128 -33.90 -5.01 -13.40
CA LEU D 128 -33.26 -4.25 -12.32
C LEU D 128 -33.71 -2.79 -12.33
N ILE D 129 -33.63 -2.14 -13.49
CA ILE D 129 -33.96 -0.71 -13.56
C ILE D 129 -35.45 -0.49 -13.27
N ALA D 130 -36.30 -1.32 -13.87
CA ALA D 130 -37.74 -1.11 -13.80
C ALA D 130 -38.31 -1.42 -12.41
N ASN D 131 -37.71 -2.37 -11.67
CA ASN D 131 -38.34 -2.85 -10.45
C ASN D 131 -37.66 -2.42 -9.17
N ALA D 132 -36.42 -1.92 -9.22
CA ALA D 132 -35.78 -1.45 -8.00
C ALA D 132 -36.58 -0.37 -7.26
N PRO D 133 -37.34 0.53 -7.93
CA PRO D 133 -38.18 1.46 -7.16
C PRO D 133 -39.13 0.80 -6.17
N LYS D 134 -39.53 -0.44 -6.41
CA LYS D 134 -40.41 -1.13 -5.44
C LYS D 134 -39.72 -1.30 -4.09
N LEU D 135 -38.41 -1.28 -4.08
CA LEU D 135 -37.64 -1.44 -2.86
C LEU D 135 -37.12 -0.11 -2.32
N GLY D 136 -37.47 0.98 -2.98
CA GLY D 136 -37.01 2.30 -2.58
C GLY D 136 -35.77 2.82 -3.29
N PHE D 137 -35.37 2.22 -4.41
CA PHE D 137 -34.16 2.61 -5.10
C PHE D 137 -34.45 3.12 -6.51
N LYS D 138 -33.57 4.00 -6.98
CA LYS D 138 -33.55 4.43 -8.37
C LYS D 138 -32.25 3.96 -8.97
N ILE D 139 -32.32 3.42 -10.18
CA ILE D 139 -31.14 2.92 -10.88
C ILE D 139 -30.82 3.88 -12.01
N ILE D 140 -29.58 4.32 -12.04
CA ILE D 140 -29.13 5.24 -13.13
C ILE D 140 -28.15 4.47 -14.02
N PRO D 141 -28.53 4.12 -15.26
CA PRO D 141 -27.61 3.47 -16.14
C PRO D 141 -26.52 4.49 -16.44
N ILE D 142 -25.26 4.06 -16.34
CA ILE D 142 -24.15 4.97 -16.68
C ILE D 142 -23.25 4.26 -17.69
N LYS D 143 -22.30 5.01 -18.23
CA LYS D 143 -21.33 4.47 -19.17
C LYS D 143 -20.34 3.56 -18.42
N ARG D 144 -19.80 2.57 -19.09
CA ARG D 144 -18.81 1.69 -18.43
C ARG D 144 -17.49 2.43 -18.49
N ASP D 145 -17.31 3.39 -17.59
CA ASP D 145 -16.17 4.27 -17.61
C ASP D 145 -15.79 4.58 -16.17
N SER D 146 -14.51 4.44 -15.83
CA SER D 146 -14.10 4.58 -14.44
C SER D 146 -14.41 5.96 -13.89
N LYS D 147 -14.37 7.00 -14.74
CA LYS D 147 -14.64 8.36 -14.25
C LYS D 147 -16.11 8.52 -13.87
N GLU D 148 -17.02 7.94 -14.66
CA GLU D 148 -18.44 7.95 -14.30
C GLU D 148 -18.68 7.19 -13.00
N VAL D 149 -18.01 6.06 -12.82
CA VAL D 149 -18.14 5.35 -11.56
C VAL D 149 -17.63 6.28 -10.49
N LYS D 150 -16.47 6.87 -10.67
CA LYS D 150 -15.88 7.63 -9.53
C LYS D 150 -16.81 8.71 -8.99
N LYS D 151 -17.70 9.19 -9.83
CA LYS D 151 -18.58 10.32 -9.60
C LYS D 151 -19.74 9.95 -8.72
N TYR D 152 -20.29 8.78 -8.98
CA TYR D 152 -21.40 8.35 -8.17
C TYR D 152 -20.92 7.75 -6.86
N LEU D 153 -19.76 7.09 -6.85
CA LEU D 153 -19.17 6.63 -5.58
C LEU D 153 -18.91 7.81 -4.65
N LYS D 154 -18.45 8.93 -5.21
CA LYS D 154 -18.17 10.11 -4.39
C LYS D 154 -19.45 10.70 -3.83
N LYS D 155 -20.61 10.41 -4.44
CA LYS D 155 -21.87 10.80 -3.85
C LYS D 155 -22.37 9.79 -2.82
N GLY D 156 -21.63 8.71 -2.58
CA GLY D 156 -22.03 7.64 -1.70
C GLY D 156 -22.94 6.60 -2.32
N PHE D 157 -23.08 6.59 -3.65
CA PHE D 157 -23.93 5.62 -4.33
C PHE D 157 -23.08 4.51 -4.91
N PRO D 158 -23.29 3.24 -4.54
CA PRO D 158 -22.50 2.15 -5.12
C PRO D 158 -23.04 1.81 -6.51
N VAL D 159 -22.30 0.98 -7.26
CA VAL D 159 -22.59 0.80 -8.68
C VAL D 159 -22.65 -0.69 -9.00
N ILE D 160 -23.83 -1.17 -9.40
CA ILE D 160 -23.95 -2.56 -9.82
C ILE D 160 -23.28 -2.72 -11.19
N CYS D 161 -22.39 -3.73 -11.30
CA CYS D 161 -21.73 -4.06 -12.55
C CYS D 161 -22.26 -5.36 -13.11
N HIS D 162 -22.24 -5.46 -14.43
CA HIS D 162 -22.77 -6.59 -15.19
C HIS D 162 -21.69 -7.00 -16.18
N TRP D 163 -21.38 -8.29 -16.24
CA TRP D 163 -20.33 -8.70 -17.16
C TRP D 163 -20.40 -10.19 -17.42
N GLN D 164 -19.73 -10.59 -18.48
CA GLN D 164 -19.62 -12.00 -18.87
C GLN D 164 -18.29 -12.49 -18.35
N VAL D 165 -18.33 -13.44 -17.40
CA VAL D 165 -17.13 -13.83 -16.68
C VAL D 165 -16.10 -14.44 -17.63
N ASN D 166 -16.56 -15.09 -18.71
CA ASN D 166 -15.62 -15.62 -19.69
C ASN D 166 -14.83 -14.51 -20.36
N GLN D 167 -15.40 -13.32 -20.48
CA GLN D 167 -14.71 -12.20 -21.08
C GLN D 167 -13.70 -11.57 -20.15
N SER D 168 -13.64 -11.98 -18.88
CA SER D 168 -12.65 -11.49 -17.93
C SER D 168 -11.64 -12.58 -17.57
N ARG D 169 -11.60 -13.65 -18.36
CA ARG D 169 -10.79 -14.80 -17.98
C ARG D 169 -9.30 -14.50 -18.01
N ASN D 170 -8.83 -13.71 -18.97
CA ASN D 170 -7.40 -13.46 -19.06
C ASN D 170 -6.93 -12.26 -18.24
N CYS D 171 -7.78 -11.25 -18.06
CA CYS D 171 -7.39 -10.05 -17.33
C CYS D 171 -7.76 -10.10 -15.85
N LYS D 172 -8.51 -11.10 -15.41
CA LYS D 172 -8.83 -11.25 -14.01
C LYS D 172 -8.69 -12.72 -13.61
N GLY D 173 -9.44 -13.59 -14.27
CA GLY D 173 -9.29 -15.02 -14.07
C GLY D 173 -9.91 -15.63 -12.83
N ASP D 174 -10.92 -14.99 -12.23
CA ASP D 174 -11.63 -15.64 -11.13
C ASP D 174 -12.47 -16.82 -11.65
N TYR D 175 -12.92 -16.77 -12.91
CA TYR D 175 -13.90 -17.72 -13.40
C TYR D 175 -13.38 -18.47 -14.62
N THR D 176 -13.74 -19.73 -14.73
CA THR D 176 -13.30 -20.51 -15.91
C THR D 176 -14.49 -20.80 -16.80
N GLY D 177 -15.69 -20.52 -16.32
CA GLY D 177 -16.93 -20.83 -17.05
C GLY D 177 -17.47 -19.70 -17.89
N ASN D 178 -18.65 -19.92 -18.44
CA ASN D 178 -19.38 -19.02 -19.35
C ASN D 178 -20.80 -18.79 -18.84
N PHE D 179 -21.05 -17.59 -18.32
CA PHE D 179 -22.33 -17.12 -17.80
C PHE D 179 -22.20 -15.62 -17.56
N GLY D 180 -23.32 -14.92 -17.65
CA GLY D 180 -23.35 -13.52 -17.27
C GLY D 180 -23.49 -13.39 -15.77
N HIS D 181 -22.96 -12.29 -15.22
CA HIS D 181 -22.83 -12.19 -13.78
C HIS D 181 -22.96 -10.75 -13.36
N TYR D 182 -23.26 -10.55 -12.06
CA TYR D 182 -23.36 -9.20 -11.50
C TYR D 182 -22.56 -9.14 -10.21
N GLY D 183 -22.04 -7.94 -9.91
CA GLY D 183 -21.40 -7.61 -8.66
C GLY D 183 -21.69 -6.16 -8.32
N LEU D 184 -21.11 -5.70 -7.20
CA LEU D 184 -21.27 -4.33 -6.71
C LEU D 184 -19.93 -3.63 -6.64
N ILE D 185 -19.72 -2.61 -7.46
CA ILE D 185 -18.54 -1.76 -7.30
C ILE D 185 -18.82 -0.83 -6.11
N TRP D 186 -18.07 -0.98 -5.04
CA TRP D 186 -18.26 -0.10 -3.89
C TRP D 186 -17.04 0.76 -3.60
N ASP D 187 -15.93 0.59 -4.32
CA ASP D 187 -14.74 1.40 -4.10
C ASP D 187 -13.87 1.31 -5.34
N MET D 188 -12.83 2.15 -5.38
CA MET D 188 -11.92 2.23 -6.52
C MET D 188 -10.53 2.53 -6.00
N THR D 189 -9.52 1.98 -6.66
CA THR D 189 -8.15 2.46 -6.54
C THR D 189 -7.84 3.38 -7.71
N SER D 190 -6.56 3.70 -7.92
CA SER D 190 -6.19 4.46 -9.11
C SER D 190 -6.27 3.61 -10.38
N THR D 191 -6.32 2.29 -10.25
CA THR D 191 -6.29 1.41 -11.41
C THR D 191 -7.39 0.36 -11.44
N HIS D 192 -7.98 -0.01 -10.30
CA HIS D 192 -8.91 -1.13 -10.23
C HIS D 192 -10.24 -0.72 -9.60
N TYR D 193 -11.33 -1.31 -10.09
CA TYR D 193 -12.58 -1.33 -9.36
C TYR D 193 -12.48 -2.35 -8.24
N VAL D 194 -13.09 -2.03 -7.10
CA VAL D 194 -13.24 -2.95 -5.99
C VAL D 194 -14.66 -3.48 -6.01
N VAL D 195 -14.82 -4.77 -6.30
CA VAL D 195 -16.11 -5.39 -6.59
C VAL D 195 -16.47 -6.37 -5.49
N ALA D 196 -17.63 -6.17 -4.87
CA ALA D 196 -18.24 -7.22 -4.06
C ALA D 196 -18.92 -8.20 -5.01
N ASP D 197 -18.35 -9.41 -5.14
CA ASP D 197 -18.84 -10.44 -6.04
C ASP D 197 -19.62 -11.47 -5.25
N PRO D 198 -20.92 -11.62 -5.49
CA PRO D 198 -21.73 -12.51 -4.64
C PRO D 198 -21.35 -14.00 -4.75
N ALA D 199 -20.49 -14.38 -5.69
CA ALA D 199 -20.03 -15.76 -5.81
C ALA D 199 -18.56 -15.94 -5.45
N LYS D 200 -17.87 -14.89 -4.99
CA LYS D 200 -16.43 -14.99 -4.76
C LYS D 200 -15.95 -14.26 -3.51
N GLY D 201 -16.32 -13.00 -3.33
CA GLY D 201 -15.79 -12.26 -2.19
C GLY D 201 -16.05 -10.77 -2.30
N VAL D 202 -15.79 -10.09 -1.18
CA VAL D 202 -16.17 -8.68 -1.07
C VAL D 202 -15.20 -7.74 -1.75
N ASN D 203 -14.05 -8.26 -2.19
CA ASN D 203 -12.86 -7.49 -2.48
C ASN D 203 -12.20 -7.82 -3.82
N ARG D 204 -12.98 -8.16 -4.86
CA ARG D 204 -12.41 -8.57 -6.13
C ARG D 204 -12.01 -7.34 -6.93
N LYS D 205 -10.72 -7.25 -7.32
CA LYS D 205 -10.16 -6.04 -7.93
C LYS D 205 -10.08 -6.21 -9.44
N TYR D 206 -10.90 -5.45 -10.15
CA TYR D 206 -10.92 -5.52 -11.61
C TYR D 206 -10.25 -4.28 -12.19
N LYS D 207 -9.33 -4.54 -13.10
CA LYS D 207 -8.62 -3.48 -13.81
C LYS D 207 -9.70 -2.81 -14.64
N PHE D 208 -9.83 -1.49 -14.52
CA PHE D 208 -10.87 -0.69 -15.20
C PHE D 208 -11.14 -1.20 -16.60
N SER D 209 -10.11 -1.44 -17.41
CA SER D 209 -10.52 -1.83 -18.75
C SER D 209 -11.01 -3.27 -18.80
N CYS D 210 -10.52 -4.12 -17.91
CA CYS D 210 -10.95 -5.52 -17.86
C CYS D 210 -12.44 -5.64 -17.62
N LEU D 211 -12.94 -4.97 -16.58
CA LEU D 211 -14.38 -4.99 -16.31
C LEU D 211 -15.16 -4.23 -17.38
N ASP D 212 -14.69 -3.03 -17.77
CA ASP D 212 -15.40 -2.21 -18.75
C ASP D 212 -15.67 -2.99 -20.02
N ASN D 213 -14.69 -3.77 -20.47
CA ASN D 213 -14.75 -4.47 -21.79
C ASN D 213 -15.25 -5.92 -21.71
N ALA D 214 -15.68 -6.40 -20.55
CA ALA D 214 -16.09 -7.82 -20.49
C ALA D 214 -17.60 -8.01 -20.71
N ASN D 215 -18.26 -7.12 -21.47
CA ASN D 215 -19.71 -7.27 -21.74
C ASN D 215 -20.00 -7.11 -23.23
N LYS D 216 -19.03 -7.41 -24.09
CA LYS D 216 -19.23 -7.33 -25.56
C LYS D 216 -20.49 -8.08 -25.95
N GLY D 217 -21.38 -7.45 -26.68
CA GLY D 217 -22.63 -8.11 -27.11
C GLY D 217 -23.75 -7.88 -26.13
N TYR D 218 -23.50 -7.22 -25.00
CA TYR D 218 -24.59 -7.08 -24.10
C TYR D 218 -24.65 -5.61 -23.75
N ARG D 219 -25.60 -5.26 -22.89
CA ARG D 219 -25.84 -3.85 -22.62
C ARG D 219 -24.59 -3.17 -22.08
N GLN D 220 -24.23 -2.05 -22.70
CA GLN D 220 -22.99 -1.34 -22.35
C GLN D 220 -23.25 -0.30 -21.26
N ASN D 221 -23.66 -0.77 -20.08
CA ASN D 221 -23.92 0.12 -18.96
C ASN D 221 -23.43 -0.50 -17.67
N TYR D 222 -23.18 0.37 -16.67
CA TYR D 222 -23.18 0.03 -15.24
C TYR D 222 -24.44 0.64 -14.64
N TYR D 223 -24.76 0.27 -13.40
CA TYR D 223 -26.06 0.63 -12.82
C TYR D 223 -25.90 1.21 -11.42
N VAL D 224 -25.99 2.54 -11.34
CA VAL D 224 -25.85 3.22 -10.06
C VAL D 224 -27.10 2.97 -9.23
N VAL D 225 -26.92 2.66 -7.96
CA VAL D 225 -28.03 2.48 -7.04
C VAL D 225 -28.08 3.72 -6.16
N CYS D 226 -29.21 4.41 -6.15
CA CYS D 226 -29.34 5.55 -5.25
C CYS D 226 -30.74 5.56 -4.65
N PRO D 227 -30.95 6.33 -3.59
CA PRO D 227 -32.28 6.43 -3.01
C PRO D 227 -33.26 7.04 -4.00
N ALA D 228 -34.45 6.47 -4.03
CA ALA D 228 -35.50 6.99 -4.90
C ALA D 228 -36.17 8.11 -4.12
#